data_9GGP
#
_entry.id   9GGP
#
_cell.length_a   140.946
_cell.length_b   75.554
_cell.length_c   87.146
_cell.angle_alpha   90.000
_cell.angle_beta   90.000
_cell.angle_gamma   90.000
#
_symmetry.space_group_name_H-M   'P 21 21 2'
#
loop_
_entity.id
_entity.type
_entity.pdbx_description
1 polymer Alpha-1-antitrypsin
2 polymer 'Fab fragment heavy chain of 2C1 monoclonal antibody'
3 polymer 'Fab fragment light chain of 2C1 monoclonal antibody'
4 non-polymer 1,2-ETHANEDIOL
5 water water
#
loop_
_entity_poly.entity_id
_entity_poly.type
_entity_poly.pdbx_seq_one_letter_code
_entity_poly.pdbx_strand_id
1 'polypeptide(L)'
;MRGSHHHHHHTDPQGDAAQKTDTSHHDQDHPTFNKITPNLAEFAFSLYRQLAHQSNSTNIFFSPVSIATAFAMLSLGTKA
DTHDEILEGLNFNLTEIPEAQIHEGFQELLRTLNQPDSQLQLTTGNGLFLSEGLKLVDKFLEDVKKLYHSEAFTVNFGDT
EEAKKQINDYVEKGTQGKIVDLVKELDRDTVFALVNYIFFKGKWERPFEVKDTEEEDFHVDQVTTVKVPMMKRLGMFNIQ
HCKKLSSWVLLMKYLGNATAIFFLPDEGKLQHLENELTHDIITKFLENEDRRSASLHLPKLSITGTYDLKSVLGQLGITK
VFSNGADLSGVTEEAPLKLSKAVHKAVLTIDEKGTEAAGAMFLEAIPMSIPPEVKFNKPFVFLMIEQNTKSPLFMGKVVN
PTQK
;
A,B
2 'polypeptide(L)'
;DVQLKQSGSSLVQPSQSLSVTCTVSGFSLTSYGVHWVRQSPGKGLEWLGVIWSGGGTDYNAAFISRLSITKDNSKSQVFF
KMNSLQARDTAIYYCARDFYGNYGRYTMNYWGQGTSVTVSSAKTTPPSVYPLAPGSAAQTNNSMVTLGCLVKGYFPEPVT
VTWNSGSLSSGVHTFPAVLQSDLYTLSSSVTVPSSTWPSETVTCNVAHPASSTKVDKKIVPR
;
H
3 'polypeptide(L)'
;DIQVTQTPSSLSASLGGKVTITCKTSQDINKFIAWYQHKPGKGPRLLIHYTSTLQPGIPSRFSGSGSGRDYSFSISNLEP
EDIATYYCLQYDNLYTFGGGTKLEIKRADAAPTVSIFPPSSEQLTSGGASVVCFLNNFYPKDINVKWKIDGSERQNGVLN
SWTDQDSKDSTYSMSSTLTLTKDEYERHNSYTCEATHKTSTSPIVKSFNRNE
;
L
#
# COMPACT_ATOMS: atom_id res chain seq x y z
N ASN A 34 -13.39 -21.75 3.22
CA ASN A 34 -13.01 -21.10 4.47
C ASN A 34 -13.52 -21.86 5.70
N LYS A 35 -12.68 -21.95 6.73
CA LYS A 35 -13.03 -22.51 8.03
C LYS A 35 -14.02 -21.65 8.81
N ILE A 36 -14.43 -20.49 8.30
CA ILE A 36 -15.43 -19.68 8.99
C ILE A 36 -16.71 -19.52 8.19
N THR A 37 -16.75 -19.96 6.94
CA THR A 37 -17.98 -19.86 6.16
C THR A 37 -19.18 -20.58 6.81
N PRO A 38 -19.03 -21.77 7.39
CA PRO A 38 -20.20 -22.36 8.05
C PRO A 38 -20.74 -21.50 9.18
N ASN A 39 -19.83 -20.89 9.96
CA ASN A 39 -20.24 -19.99 11.03
C ASN A 39 -20.92 -18.74 10.50
N LEU A 40 -20.42 -18.19 9.39
CA LEU A 40 -21.05 -16.99 8.82
C LEU A 40 -22.46 -17.30 8.33
N ALA A 41 -22.66 -18.48 7.74
CA ALA A 41 -24.00 -18.86 7.29
C ALA A 41 -24.94 -19.03 8.47
N GLU A 42 -24.49 -19.70 9.53
CA GLU A 42 -25.36 -19.84 10.70
C GLU A 42 -25.61 -18.49 11.37
N PHE A 43 -24.64 -17.57 11.35
CA PHE A 43 -24.93 -16.21 11.82
C PHE A 43 -25.97 -15.53 10.94
N ALA A 44 -25.89 -15.74 9.62
CA ALA A 44 -26.90 -15.17 8.74
C ALA A 44 -28.30 -15.63 9.15
N PHE A 45 -28.45 -16.93 9.43
CA PHE A 45 -29.76 -17.46 9.77
C PHE A 45 -30.20 -17.03 11.17
N SER A 46 -29.28 -16.96 12.13
CA SER A 46 -29.62 -16.47 13.46
C SER A 46 -30.11 -15.03 13.41
N LEU A 47 -29.39 -14.19 12.68
CA LEU A 47 -29.77 -12.79 12.61
C LEU A 47 -31.06 -12.61 11.81
N TYR A 48 -31.20 -13.34 10.70
CA TYR A 48 -32.44 -13.35 9.94
C TYR A 48 -33.64 -13.68 10.84
N ARG A 49 -33.51 -14.74 11.62
CA ARG A 49 -34.63 -15.16 12.46
C ARG A 49 -34.97 -14.11 13.52
N GLN A 50 -33.96 -13.41 14.07
CA GLN A 50 -34.26 -12.26 14.93
C GLN A 50 -35.07 -11.21 14.20
N LEU A 51 -34.62 -10.84 12.99
CA LEU A 51 -35.32 -9.81 12.23
C LEU A 51 -36.71 -10.27 11.80
N ALA A 52 -36.91 -11.55 11.52
CA ALA A 52 -38.22 -11.98 11.10
C ALA A 52 -39.21 -12.10 12.27
N HIS A 53 -38.70 -12.19 13.51
N HIS A 53 -38.71 -12.18 13.51
CA HIS A 53 -39.59 -12.28 14.66
CA HIS A 53 -39.61 -12.29 14.65
C HIS A 53 -40.25 -10.94 15.01
C HIS A 53 -40.18 -10.95 15.11
N GLN A 54 -39.62 -9.83 14.65
CA GLN A 54 -40.13 -8.51 15.00
C GLN A 54 -41.56 -8.27 14.54
N ASN A 56 -44.38 -7.06 13.28
CA ASN A 56 -45.06 -7.12 11.99
C ASN A 56 -44.13 -7.62 10.86
N SER A 57 -44.69 -7.76 9.66
CA SER A 57 -43.97 -8.25 8.50
CA SER A 57 -43.96 -8.24 8.50
C SER A 57 -43.52 -7.09 7.62
N THR A 58 -42.24 -7.09 7.24
CA THR A 58 -41.59 -6.09 6.42
C THR A 58 -40.56 -6.78 5.52
N ASN A 59 -40.16 -6.11 4.43
CA ASN A 59 -39.08 -6.61 3.60
C ASN A 59 -37.80 -6.62 4.44
N ILE A 60 -37.04 -7.72 4.39
CA ILE A 60 -35.78 -7.82 5.12
C ILE A 60 -34.66 -7.87 4.10
N PHE A 61 -33.58 -7.12 4.35
CA PHE A 61 -32.39 -7.24 3.51
C PHE A 61 -31.18 -6.75 4.29
N PHE A 62 -30.17 -7.61 4.42
CA PHE A 62 -28.99 -7.23 5.20
C PHE A 62 -27.78 -8.00 4.68
N SER A 63 -26.59 -7.57 5.10
CA SER A 63 -25.37 -8.25 4.73
C SER A 63 -24.82 -9.00 5.93
N PRO A 64 -24.91 -10.33 6.00
CA PRO A 64 -24.27 -11.06 7.11
C PRO A 64 -22.77 -10.81 7.20
N VAL A 65 -22.08 -10.78 6.04
CA VAL A 65 -20.64 -10.62 6.03
C VAL A 65 -20.23 -9.26 6.58
N SER A 66 -20.97 -8.20 6.20
CA SER A 66 -20.64 -6.84 6.68
C SER A 66 -20.76 -6.72 8.20
N ILE A 67 -21.89 -7.19 8.73
CA ILE A 67 -22.15 -7.11 10.17
C ILE A 67 -21.10 -7.92 10.94
N ALA A 68 -20.88 -9.18 10.53
CA ALA A 68 -19.94 -10.04 11.24
C ALA A 68 -18.51 -9.49 11.17
N THR A 69 -18.08 -9.00 10.01
CA THR A 69 -16.71 -8.49 9.88
C THR A 69 -16.46 -7.31 10.82
N ALA A 70 -17.42 -6.38 10.90
CA ALA A 70 -17.26 -5.23 11.79
C ALA A 70 -17.12 -5.66 13.24
N PHE A 71 -17.94 -6.61 13.69
CA PHE A 71 -17.84 -7.02 15.09
C PHE A 71 -16.62 -7.88 15.36
N ALA A 72 -16.24 -8.75 14.42
CA ALA A 72 -15.02 -9.53 14.63
C ALA A 72 -13.81 -8.60 14.72
N MET A 73 -13.78 -7.58 13.89
CA MET A 73 -12.67 -6.62 13.95
C MET A 73 -12.68 -5.88 15.29
N LEU A 74 -13.87 -5.45 15.75
CA LEU A 74 -13.95 -4.78 17.05
C LEU A 74 -13.47 -5.68 18.17
N SER A 75 -13.74 -7.00 18.06
CA SER A 75 -13.39 -7.90 19.16
C SER A 75 -11.90 -7.91 19.45
N LEU A 76 -11.06 -7.50 18.49
CA LEU A 76 -9.62 -7.47 18.73
C LEU A 76 -9.28 -6.51 19.87
N GLY A 77 -10.09 -5.48 20.07
CA GLY A 77 -9.88 -4.50 21.13
C GLY A 77 -10.61 -4.79 22.42
N THR A 78 -11.24 -5.94 22.56
CA THR A 78 -12.03 -6.29 23.74
C THR A 78 -11.35 -7.41 24.51
N LYS A 79 -11.76 -7.61 25.76
CA LYS A 79 -11.22 -8.65 26.62
C LYS A 79 -12.33 -9.40 27.34
N ALA A 80 -11.96 -10.57 27.87
CA ALA A 80 -12.80 -11.32 28.80
C ALA A 80 -14.22 -11.54 28.27
N ASP A 81 -15.22 -11.41 29.15
CA ASP A 81 -16.60 -11.69 28.74
C ASP A 81 -17.05 -10.81 27.59
N THR A 82 -16.62 -9.54 27.58
CA THR A 82 -17.02 -8.66 26.47
C THR A 82 -16.62 -9.27 25.14
N HIS A 83 -15.38 -9.77 25.06
CA HIS A 83 -14.83 -10.38 23.86
C HIS A 83 -15.52 -11.71 23.53
N ASP A 84 -15.64 -12.60 24.51
CA ASP A 84 -16.21 -13.91 24.21
C ASP A 84 -17.66 -13.79 23.74
N GLU A 85 -18.43 -12.87 24.32
CA GLU A 85 -19.82 -12.70 23.88
C GLU A 85 -19.89 -12.29 22.42
N ILE A 86 -19.00 -11.40 21.97
CA ILE A 86 -19.09 -10.95 20.58
C ILE A 86 -18.89 -12.13 19.63
N LEU A 87 -17.79 -12.88 19.80
CA LEU A 87 -17.50 -13.94 18.85
C LEU A 87 -18.50 -15.06 18.97
N GLU A 88 -18.98 -15.36 20.18
CA GLU A 88 -20.01 -16.38 20.30
C GLU A 88 -21.32 -15.93 19.65
N GLY A 89 -21.61 -14.62 19.69
CA GLY A 89 -22.79 -14.09 19.05
C GLY A 89 -22.70 -14.12 17.54
N LEU A 90 -21.49 -14.31 16.99
CA LEU A 90 -21.29 -14.56 15.58
C LEU A 90 -21.27 -16.05 15.27
N ASN A 91 -21.71 -16.89 16.21
CA ASN A 91 -21.86 -18.34 16.00
C ASN A 91 -20.50 -19.05 15.91
N PHE A 92 -19.49 -18.58 16.67
CA PHE A 92 -18.25 -19.31 16.88
C PHE A 92 -18.25 -19.92 18.28
N ASN A 93 -17.83 -21.17 18.37
CA ASN A 93 -17.47 -21.81 19.62
C ASN A 93 -15.95 -21.67 19.78
N LEU A 94 -15.52 -20.90 20.78
CA LEU A 94 -14.11 -20.59 20.94
C LEU A 94 -13.29 -21.79 21.37
N THR A 95 -13.92 -22.84 21.90
CA THR A 95 -13.19 -24.07 22.18
C THR A 95 -12.93 -24.86 20.90
N GLU A 96 -13.84 -24.80 19.93
CA GLU A 96 -13.70 -25.57 18.70
C GLU A 96 -12.87 -24.86 17.65
N ILE A 97 -12.87 -23.53 17.66
CA ILE A 97 -12.06 -22.76 16.71
C ILE A 97 -11.41 -21.61 17.46
N PRO A 98 -10.11 -21.68 17.71
CA PRO A 98 -9.44 -20.63 18.49
C PRO A 98 -9.50 -19.28 17.79
N GLU A 99 -9.40 -18.24 18.61
CA GLU A 99 -9.57 -16.87 18.13
C GLU A 99 -8.62 -16.56 16.98
N ALA A 100 -7.36 -16.98 17.08
CA ALA A 100 -6.41 -16.70 16.01
C ALA A 100 -6.88 -17.28 14.67
N GLN A 101 -7.51 -18.46 14.72
CA GLN A 101 -8.07 -19.05 13.49
C GLN A 101 -9.29 -18.27 13.00
N ILE A 102 -10.08 -17.72 13.91
CA ILE A 102 -11.22 -16.88 13.49
C ILE A 102 -10.72 -15.66 12.71
N HIS A 103 -9.73 -14.95 13.26
CA HIS A 103 -9.27 -13.72 12.62
C HIS A 103 -8.55 -14.02 11.31
N GLU A 104 -7.74 -15.07 11.28
CA GLU A 104 -7.14 -15.47 10.01
C GLU A 104 -8.22 -15.85 9.01
N GLY A 105 -9.31 -16.45 9.48
CA GLY A 105 -10.44 -16.72 8.60
C GLY A 105 -10.98 -15.48 7.92
N PHE A 106 -11.23 -14.42 8.71
CA PHE A 106 -11.70 -13.17 8.13
C PHE A 106 -10.65 -12.55 7.21
N GLN A 107 -9.38 -12.56 7.62
CA GLN A 107 -8.32 -12.04 6.75
C GLN A 107 -8.37 -12.68 5.36
N GLU A 108 -8.42 -14.01 5.30
CA GLU A 108 -8.44 -14.68 4.00
C GLU A 108 -9.77 -14.45 3.28
N LEU A 109 -10.88 -14.47 4.01
CA LEU A 109 -12.19 -14.22 3.40
C LEU A 109 -12.22 -12.85 2.71
N LEU A 110 -11.86 -11.82 3.44
CA LEU A 110 -11.84 -10.47 2.90
C LEU A 110 -10.92 -10.36 1.69
N ARG A 111 -9.72 -10.95 1.78
CA ARG A 111 -8.79 -10.88 0.66
C ARG A 111 -9.39 -11.56 -0.57
N THR A 112 -10.06 -12.68 -0.36
CA THR A 112 -10.68 -13.41 -1.48
C THR A 112 -11.86 -12.64 -2.07
N LEU A 113 -12.70 -12.04 -1.23
CA LEU A 113 -13.82 -11.25 -1.77
C LEU A 113 -13.32 -10.10 -2.62
N ASN A 114 -12.17 -9.52 -2.25
CA ASN A 114 -11.59 -8.40 -3.00
C ASN A 114 -10.72 -8.84 -4.17
N GLN A 115 -10.64 -10.12 -4.49
CA GLN A 115 -9.61 -10.49 -5.44
C GLN A 115 -10.03 -10.05 -6.84
N PRO A 116 -9.05 -9.80 -7.72
CA PRO A 116 -9.37 -9.31 -9.07
C PRO A 116 -10.41 -10.19 -9.75
N ASP A 117 -11.35 -9.53 -10.42
CA ASP A 117 -12.36 -10.24 -11.19
C ASP A 117 -13.00 -9.30 -12.19
N SER A 118 -13.05 -9.73 -13.45
CA SER A 118 -13.43 -8.87 -14.56
C SER A 118 -14.94 -8.78 -14.78
N GLN A 119 -15.68 -9.85 -14.52
CA GLN A 119 -17.11 -9.86 -14.83
C GLN A 119 -18.01 -9.48 -13.66
N LEU A 120 -17.54 -9.63 -12.42
CA LEU A 120 -18.33 -9.32 -11.23
C LEU A 120 -17.62 -8.22 -10.46
N GLN A 121 -18.35 -7.18 -10.07
CA GLN A 121 -17.80 -6.16 -9.18
C GLN A 121 -18.09 -6.55 -7.74
N LEU A 122 -17.04 -6.61 -6.92
CA LEU A 122 -17.27 -6.93 -5.52
C LEU A 122 -16.10 -6.34 -4.75
N THR A 123 -16.42 -5.48 -3.78
CA THR A 123 -15.42 -4.80 -2.96
CA THR A 123 -15.40 -4.85 -2.96
C THR A 123 -15.89 -4.77 -1.52
N THR A 124 -14.93 -4.82 -0.59
CA THR A 124 -15.30 -4.66 0.81
C THR A 124 -14.12 -4.05 1.54
N GLY A 125 -14.41 -3.21 2.53
CA GLY A 125 -13.34 -2.53 3.25
C GLY A 125 -13.78 -2.20 4.66
N ASN A 126 -12.77 -1.96 5.52
CA ASN A 126 -13.01 -1.53 6.88
C ASN A 126 -12.26 -0.25 7.12
N GLY A 127 -12.90 0.66 7.83
CA GLY A 127 -12.30 1.94 8.18
C GLY A 127 -12.43 2.21 9.66
N LEU A 128 -11.32 2.66 10.26
CA LEU A 128 -11.25 2.98 11.67
C LEU A 128 -11.00 4.48 11.79
N PHE A 129 -11.93 5.21 12.42
CA PHE A 129 -11.92 6.67 12.51
C PHE A 129 -11.68 7.06 13.97
N LEU A 130 -10.51 7.67 14.25
CA LEU A 130 -10.01 7.78 15.62
C LEU A 130 -9.87 9.23 16.03
N SER A 131 -10.36 9.56 17.23
CA SER A 131 -10.23 10.92 17.71
CA SER A 131 -10.23 10.92 17.71
C SER A 131 -8.76 11.29 17.89
N GLU A 132 -8.43 12.50 17.46
CA GLU A 132 -7.13 13.06 17.71
C GLU A 132 -6.81 12.94 19.18
N GLY A 133 -5.61 12.46 19.49
CA GLY A 133 -5.23 12.36 20.89
C GLY A 133 -5.93 11.28 21.69
N LEU A 134 -6.75 10.44 21.06
CA LEU A 134 -7.09 9.16 21.69
C LEU A 134 -5.80 8.37 21.88
N LYS A 135 -5.55 7.92 23.10
CA LYS A 135 -4.30 7.20 23.40
C LYS A 135 -4.49 5.75 22.94
N LEU A 136 -4.13 5.51 21.69
CA LEU A 136 -4.46 4.26 21.05
C LEU A 136 -3.46 3.17 21.44
N VAL A 137 -3.97 1.98 21.74
CA VAL A 137 -3.10 0.83 21.96
C VAL A 137 -2.57 0.37 20.60
N ASP A 138 -1.24 0.36 20.45
CA ASP A 138 -0.64 0.09 19.14
C ASP A 138 -0.99 -1.29 18.61
N LYS A 139 -1.05 -2.30 19.50
CA LYS A 139 -1.35 -3.65 19.05
C LYS A 139 -2.71 -3.73 18.34
N PHE A 140 -3.69 -2.98 18.84
CA PHE A 140 -5.00 -2.96 18.20
C PHE A 140 -4.91 -2.41 16.78
N LEU A 141 -4.19 -1.29 16.61
CA LEU A 141 -4.03 -0.74 15.27
C LEU A 141 -3.30 -1.72 14.35
N GLU A 142 -2.22 -2.36 14.85
CA GLU A 142 -1.49 -3.31 14.02
C GLU A 142 -2.35 -4.51 13.67
N ASP A 143 -3.15 -4.99 14.62
CA ASP A 143 -4.03 -6.14 14.38
C ASP A 143 -5.11 -5.82 13.36
N VAL A 144 -5.78 -4.66 13.47
CA VAL A 144 -6.87 -4.42 12.50
C VAL A 144 -6.31 -4.16 11.11
N LYS A 145 -5.14 -3.54 11.00
CA LYS A 145 -4.55 -3.36 9.67
C LYS A 145 -4.15 -4.70 9.05
N LYS A 146 -3.60 -5.61 9.84
CA LYS A 146 -3.12 -6.86 9.27
C LYS A 146 -4.26 -7.84 8.98
N LEU A 147 -5.14 -8.04 9.96
CA LEU A 147 -6.13 -9.12 9.88
C LEU A 147 -7.42 -8.67 9.23
N TYR A 148 -7.78 -7.40 9.34
CA TYR A 148 -9.01 -6.93 8.73
C TYR A 148 -8.75 -5.92 7.62
N HIS A 149 -7.48 -5.72 7.27
CA HIS A 149 -7.09 -4.84 6.17
C HIS A 149 -7.61 -3.42 6.38
N SER A 150 -7.79 -3.02 7.63
CA SER A 150 -8.48 -1.77 7.92
C SER A 150 -7.67 -0.56 7.50
N GLU A 151 -8.35 0.43 6.93
CA GLU A 151 -7.76 1.76 6.82
C GLU A 151 -7.94 2.47 8.15
N ALA A 152 -7.10 3.48 8.41
CA ALA A 152 -7.18 4.18 9.68
C ALA A 152 -7.02 5.66 9.44
N PHE A 153 -7.87 6.45 10.09
CA PHE A 153 -7.94 7.89 9.87
C PHE A 153 -8.02 8.60 11.21
N THR A 154 -7.35 9.76 11.31
CA THR A 154 -7.50 10.65 12.47
C THR A 154 -8.59 11.67 12.17
N VAL A 155 -9.61 11.71 13.03
CA VAL A 155 -10.80 12.56 12.85
C VAL A 155 -10.99 13.44 14.08
N ASN A 156 -11.35 14.71 13.85
CA ASN A 156 -11.76 15.61 14.92
C ASN A 156 -13.28 15.58 14.97
N PHE A 157 -13.83 14.76 15.87
CA PHE A 157 -15.28 14.63 15.99
C PHE A 157 -15.91 15.91 16.56
N GLY A 158 -15.10 16.82 17.07
CA GLY A 158 -15.61 18.11 17.51
C GLY A 158 -16.07 18.99 16.36
N ASP A 159 -15.49 18.84 15.16
CA ASP A 159 -16.01 19.49 13.97
C ASP A 159 -16.96 18.49 13.32
N THR A 160 -18.21 18.49 13.80
CA THR A 160 -19.08 17.36 13.47
C THR A 160 -19.37 17.32 11.97
N GLU A 161 -19.53 18.48 11.32
CA GLU A 161 -19.85 18.42 9.88
C GLU A 161 -18.72 17.78 9.09
N GLU A 162 -17.47 18.11 9.42
CA GLU A 162 -16.33 17.54 8.70
C GLU A 162 -16.10 16.07 9.05
N ALA A 163 -16.33 15.69 10.32
CA ALA A 163 -16.21 14.29 10.70
C ALA A 163 -17.25 13.42 9.99
N LYS A 164 -18.50 13.89 9.96
CA LYS A 164 -19.54 13.15 9.25
C LYS A 164 -19.25 13.08 7.76
N LYS A 165 -18.76 14.18 7.19
CA LYS A 165 -18.45 14.18 5.77
C LYS A 165 -17.39 13.12 5.43
N GLN A 166 -16.38 12.97 6.28
CA GLN A 166 -15.34 11.96 5.99
C GLN A 166 -15.90 10.54 6.08
N ILE A 167 -16.63 10.23 7.15
CA ILE A 167 -17.20 8.88 7.27
C ILE A 167 -18.18 8.59 6.13
N ASN A 168 -19.05 9.56 5.81
CA ASN A 168 -19.99 9.39 4.70
C ASN A 168 -19.29 9.32 3.35
N ASP A 169 -18.17 10.05 3.20
CA ASP A 169 -17.37 9.93 1.98
C ASP A 169 -16.79 8.54 1.83
N TYR A 170 -16.25 7.99 2.92
CA TYR A 170 -15.69 6.63 2.88
C TYR A 170 -16.75 5.63 2.41
N VAL A 171 -17.95 5.75 2.96
CA VAL A 171 -19.01 4.79 2.65
C VAL A 171 -19.57 5.01 1.26
N GLU A 172 -19.75 6.28 0.87
CA GLU A 172 -20.31 6.58 -0.45
C GLU A 172 -19.38 6.12 -1.56
N LYS A 173 -18.07 6.33 -1.39
CA LYS A 173 -17.10 5.87 -2.37
C LYS A 173 -16.99 4.35 -2.35
N GLY A 174 -17.03 3.75 -1.17
CA GLY A 174 -17.00 2.30 -1.08
C GLY A 174 -18.19 1.64 -1.76
N THR A 175 -19.40 2.21 -1.58
CA THR A 175 -20.62 1.65 -2.18
C THR A 175 -20.94 2.23 -3.55
N GLN A 176 -19.99 2.95 -4.16
CA GLN A 176 -20.14 3.52 -5.50
C GLN A 176 -21.47 4.26 -5.63
N GLY A 177 -21.75 5.09 -4.63
CA GLY A 177 -22.88 5.99 -4.65
C GLY A 177 -24.18 5.39 -4.16
N LYS A 178 -24.19 4.17 -3.63
CA LYS A 178 -25.44 3.54 -3.31
C LYS A 178 -25.90 3.82 -1.89
N ILE A 179 -24.98 4.06 -0.97
CA ILE A 179 -25.32 4.41 0.40
C ILE A 179 -24.74 5.79 0.66
N VAL A 180 -25.62 6.79 0.68
CA VAL A 180 -25.27 8.19 0.74
C VAL A 180 -25.69 8.75 2.10
N ASP A 181 -24.80 9.52 2.70
CA ASP A 181 -25.08 10.17 3.99
C ASP A 181 -25.54 9.15 5.04
N LEU A 182 -24.71 8.11 5.23
CA LEU A 182 -25.01 7.09 6.24
C LEU A 182 -25.20 7.71 7.63
N VAL A 183 -24.30 8.59 8.03
CA VAL A 183 -24.32 9.18 9.37
C VAL A 183 -24.94 10.56 9.29
N LYS A 184 -26.06 10.75 10.00
CA LYS A 184 -26.73 12.03 10.03
C LYS A 184 -26.42 12.84 11.29
N GLU A 185 -26.29 12.18 12.44
CA GLU A 185 -25.97 12.83 13.71
C GLU A 185 -24.82 12.07 14.36
N LEU A 186 -23.85 12.80 14.87
CA LEU A 186 -22.65 12.17 15.42
C LEU A 186 -22.20 12.99 16.62
N ASP A 187 -22.15 12.36 17.80
CA ASP A 187 -21.81 13.07 19.03
C ASP A 187 -20.43 13.71 18.89
N ARG A 188 -20.32 14.98 19.30
CA ARG A 188 -19.04 15.68 19.23
CA ARG A 188 -19.03 15.67 19.21
C ARG A 188 -18.00 15.12 20.19
N ASP A 189 -18.43 14.37 21.22
CA ASP A 189 -17.48 13.74 22.12
C ASP A 189 -17.14 12.30 21.71
N THR A 190 -17.49 11.89 20.50
CA THR A 190 -17.18 10.53 20.04
C THR A 190 -15.67 10.31 20.07
N VAL A 191 -15.26 9.12 20.51
CA VAL A 191 -13.85 8.76 20.62
C VAL A 191 -13.37 7.92 19.43
N PHE A 192 -14.21 7.05 18.91
CA PHE A 192 -13.88 6.36 17.66
C PHE A 192 -15.15 5.84 17.02
N ALA A 193 -15.03 5.57 15.73
CA ALA A 193 -16.07 4.90 14.96
C ALA A 193 -15.41 3.83 14.10
N LEU A 194 -16.12 2.72 13.90
CA LEU A 194 -15.65 1.61 13.07
C LEU A 194 -16.70 1.35 12.01
N VAL A 195 -16.27 1.29 10.74
CA VAL A 195 -17.20 1.14 9.61
C VAL A 195 -16.72 0.01 8.69
N ASN A 196 -17.64 -0.87 8.31
CA ASN A 196 -17.44 -1.82 7.21
C ASN A 196 -18.40 -1.48 6.08
N TYR A 197 -17.94 -1.57 4.84
CA TYR A 197 -18.87 -1.56 3.70
C TYR A 197 -18.61 -2.78 2.83
N ILE A 198 -19.63 -3.15 2.06
CA ILE A 198 -19.50 -4.15 0.99
C ILE A 198 -20.31 -3.64 -0.21
N PHE A 199 -19.78 -3.88 -1.40
CA PHE A 199 -20.44 -3.49 -2.66
C PHE A 199 -20.43 -4.65 -3.64
N PHE A 200 -21.55 -4.88 -4.31
CA PHE A 200 -21.72 -6.00 -5.23
C PHE A 200 -22.47 -5.49 -6.45
N LYS A 201 -21.95 -5.77 -7.64
CA LYS A 201 -22.73 -5.55 -8.87
C LYS A 201 -22.48 -6.69 -9.85
N GLY A 202 -23.52 -7.47 -10.13
CA GLY A 202 -23.40 -8.61 -11.01
C GLY A 202 -24.38 -8.56 -12.15
N LYS A 203 -24.01 -9.20 -13.25
CA LYS A 203 -24.93 -9.43 -14.37
C LYS A 203 -25.43 -10.86 -14.34
N TRP A 204 -26.72 -11.06 -14.63
CA TRP A 204 -27.21 -12.43 -14.77
C TRP A 204 -26.46 -13.15 -15.88
N GLU A 205 -26.08 -14.40 -15.62
CA GLU A 205 -25.59 -15.27 -16.68
C GLU A 205 -26.59 -15.33 -17.82
N ARG A 206 -27.87 -15.50 -17.51
CA ARG A 206 -28.93 -15.40 -18.51
C ARG A 206 -29.89 -14.30 -18.10
N PRO A 207 -29.76 -13.11 -18.67
CA PRO A 207 -30.60 -11.98 -18.25
C PRO A 207 -32.01 -12.06 -18.84
N PHE A 208 -32.90 -11.27 -18.25
CA PHE A 208 -34.26 -11.11 -18.76
C PHE A 208 -34.29 -10.06 -19.86
N GLU A 209 -35.34 -10.10 -20.67
CA GLU A 209 -35.59 -9.07 -21.68
C GLU A 209 -36.60 -8.06 -21.13
N VAL A 210 -36.23 -6.78 -21.19
CA VAL A 210 -37.11 -5.73 -20.66
C VAL A 210 -38.49 -5.78 -21.33
N LYS A 211 -38.54 -6.08 -22.62
CA LYS A 211 -39.83 -6.08 -23.32
C LYS A 211 -40.77 -7.18 -22.83
N ASP A 212 -40.27 -8.20 -22.14
CA ASP A 212 -41.13 -9.23 -21.57
C ASP A 212 -41.59 -8.95 -20.14
N THR A 213 -41.09 -7.89 -19.49
CA THR A 213 -41.57 -7.54 -18.16
C THR A 213 -42.97 -6.97 -18.24
N GLU A 214 -43.86 -7.44 -17.37
CA GLU A 214 -45.27 -7.01 -17.37
C GLU A 214 -45.77 -6.84 -15.96
N GLU A 215 -46.80 -6.02 -15.78
CA GLU A 215 -47.44 -5.87 -14.48
C GLU A 215 -48.23 -7.13 -14.16
N GLU A 216 -47.95 -7.76 -13.01
CA GLU A 216 -48.69 -8.94 -12.58
C GLU A 216 -48.99 -8.84 -11.10
N ASP A 217 -49.94 -9.65 -10.63
CA ASP A 217 -50.31 -9.64 -9.21
C ASP A 217 -49.20 -10.22 -8.35
N PHE A 218 -48.93 -9.53 -7.23
CA PHE A 218 -48.16 -10.10 -6.13
C PHE A 218 -49.10 -10.28 -4.95
N HIS A 219 -49.14 -11.50 -4.41
CA HIS A 219 -50.06 -11.84 -3.33
C HIS A 219 -49.38 -11.48 -2.01
N VAL A 220 -49.67 -10.27 -1.51
CA VAL A 220 -49.07 -9.87 -0.23
C VAL A 220 -49.66 -10.68 0.90
N ASP A 221 -50.88 -11.18 0.75
CA ASP A 221 -51.43 -12.21 1.61
C ASP A 221 -52.48 -12.97 0.84
N GLN A 222 -53.26 -13.80 1.54
CA GLN A 222 -54.19 -14.71 0.87
C GLN A 222 -55.37 -13.98 0.23
N VAL A 223 -55.64 -12.74 0.59
CA VAL A 223 -56.81 -12.03 0.08
C VAL A 223 -56.46 -10.74 -0.65
N THR A 224 -55.22 -10.26 -0.58
CA THR A 224 -54.83 -8.96 -1.08
C THR A 224 -53.77 -9.08 -2.16
N THR A 225 -53.91 -8.33 -3.25
CA THR A 225 -52.87 -8.32 -4.28
C THR A 225 -52.49 -6.89 -4.63
N VAL A 226 -51.25 -6.70 -5.08
CA VAL A 226 -50.83 -5.44 -5.69
C VAL A 226 -50.14 -5.76 -7.00
N LYS A 227 -50.24 -4.84 -7.96
CA LYS A 227 -49.58 -5.02 -9.25
C LYS A 227 -48.10 -4.67 -9.12
N VAL A 228 -47.24 -5.50 -9.69
CA VAL A 228 -45.80 -5.22 -9.68
C VAL A 228 -45.23 -5.57 -11.04
N PRO A 229 -44.13 -4.89 -11.42
CA PRO A 229 -43.39 -5.31 -12.63
C PRO A 229 -42.72 -6.67 -12.41
N MET A 230 -43.11 -7.63 -13.24
CA MET A 230 -42.68 -9.03 -13.12
C MET A 230 -41.83 -9.37 -14.34
N MET A 231 -40.56 -9.69 -14.12
CA MET A 231 -39.69 -10.14 -15.18
C MET A 231 -40.03 -11.59 -15.55
N LYS A 232 -39.95 -11.92 -16.83
CA LYS A 232 -40.43 -13.23 -17.28
C LYS A 232 -39.45 -13.84 -18.29
N ARG A 233 -39.10 -15.11 -18.10
CA ARG A 233 -38.35 -15.83 -19.13
C ARG A 233 -38.71 -17.30 -19.13
N LEU A 234 -38.98 -17.84 -20.31
CA LEU A 234 -39.04 -19.29 -20.50
C LEU A 234 -37.64 -19.76 -20.86
N GLY A 235 -37.06 -20.60 -20.03
CA GLY A 235 -35.70 -21.02 -20.27
C GLY A 235 -35.32 -22.26 -19.47
N MET A 236 -34.01 -22.53 -19.44
CA MET A 236 -33.41 -23.66 -18.73
C MET A 236 -32.90 -23.15 -17.41
N PHE A 237 -33.55 -23.52 -16.31
CA PHE A 237 -33.20 -23.03 -15.00
C PHE A 237 -32.82 -24.16 -14.05
N ASN A 238 -31.92 -23.83 -13.13
CA ASN A 238 -31.55 -24.73 -12.04
C ASN A 238 -32.61 -24.57 -10.96
N ILE A 239 -33.59 -25.48 -10.93
CA ILE A 239 -34.71 -25.37 -10.02
C ILE A 239 -35.07 -26.76 -9.49
N GLN A 240 -35.28 -26.84 -8.18
CA GLN A 240 -35.46 -28.10 -7.44
C GLN A 240 -36.53 -27.89 -6.37
N HIS A 241 -37.28 -28.94 -6.06
CA HIS A 241 -38.17 -28.92 -4.91
C HIS A 241 -37.53 -29.63 -3.73
N CYS A 242 -37.59 -29.00 -2.56
CA CYS A 242 -36.90 -29.50 -1.36
C CYS A 242 -37.91 -29.95 -0.33
N LYS A 243 -37.82 -31.23 0.07
CA LYS A 243 -38.74 -31.77 1.06
C LYS A 243 -38.44 -31.25 2.45
N LYS A 244 -37.16 -31.09 2.81
CA LYS A 244 -36.83 -30.52 4.11
C LYS A 244 -37.36 -29.10 4.23
N LEU A 245 -37.32 -28.33 3.14
CA LEU A 245 -37.72 -26.94 3.18
C LEU A 245 -39.17 -26.71 2.76
N SER A 246 -39.81 -27.69 2.12
CA SER A 246 -41.15 -27.53 1.55
C SER A 246 -41.21 -26.31 0.65
N SER A 247 -40.20 -26.20 -0.22
CA SER A 247 -40.02 -25.02 -1.05
C SER A 247 -39.44 -25.42 -2.39
N TRP A 248 -39.75 -24.62 -3.41
CA TRP A 248 -38.99 -24.65 -4.64
C TRP A 248 -37.73 -23.84 -4.46
N VAL A 249 -36.62 -24.31 -5.03
CA VAL A 249 -35.33 -23.63 -4.89
C VAL A 249 -34.80 -23.34 -6.28
N LEU A 250 -34.58 -22.05 -6.56
CA LEU A 250 -34.01 -21.58 -7.81
C LEU A 250 -32.60 -21.05 -7.55
N LEU A 251 -31.63 -21.46 -8.37
CA LEU A 251 -30.27 -20.94 -8.36
C LEU A 251 -30.09 -20.10 -9.62
N MET A 252 -29.94 -18.77 -9.44
CA MET A 252 -29.70 -17.86 -10.56
C MET A 252 -28.23 -17.47 -10.52
N LYS A 253 -27.48 -17.87 -11.55
CA LYS A 253 -26.04 -17.61 -11.58
C LYS A 253 -25.73 -16.22 -12.12
N TYR A 254 -24.72 -15.57 -11.53
CA TYR A 254 -24.17 -14.34 -12.09
C TYR A 254 -22.96 -14.68 -12.95
N LEU A 255 -22.66 -13.82 -13.91
CA LEU A 255 -21.35 -13.88 -14.54
C LEU A 255 -20.29 -13.72 -13.45
N GLY A 256 -19.29 -14.57 -13.47
CA GLY A 256 -18.29 -14.53 -12.42
C GLY A 256 -18.68 -15.37 -11.23
N ASN A 257 -18.05 -15.06 -10.09
CA ASN A 257 -18.05 -15.97 -8.93
C ASN A 257 -19.11 -15.56 -7.90
N ALA A 258 -20.38 -15.69 -8.30
CA ALA A 258 -21.49 -15.48 -7.38
C ALA A 258 -22.75 -16.14 -7.93
N THR A 259 -23.68 -16.44 -7.02
CA THR A 259 -24.95 -17.07 -7.34
C THR A 259 -26.01 -16.56 -6.37
N ALA A 260 -27.22 -16.31 -6.86
CA ALA A 260 -28.33 -15.98 -5.99
C ALA A 260 -29.21 -17.22 -5.85
N ILE A 261 -29.69 -17.46 -4.63
CA ILE A 261 -30.58 -18.59 -4.36
C ILE A 261 -31.90 -18.02 -3.88
N PHE A 262 -33.00 -18.45 -4.50
CA PHE A 262 -34.35 -17.99 -4.15
C PHE A 262 -35.16 -19.17 -3.64
N PHE A 263 -35.87 -18.97 -2.55
CA PHE A 263 -36.68 -20.02 -1.91
C PHE A 263 -38.14 -19.61 -1.99
N LEU A 264 -38.95 -20.41 -2.69
CA LEU A 264 -40.37 -20.13 -2.85
C LEU A 264 -41.15 -21.13 -2.01
N PRO A 265 -41.59 -20.77 -0.82
CA PRO A 265 -42.23 -21.77 0.05
C PRO A 265 -43.55 -22.26 -0.53
N ASP A 266 -43.88 -23.51 -0.23
CA ASP A 266 -45.20 -24.04 -0.55
C ASP A 266 -46.26 -23.31 0.26
N GLU A 267 -47.52 -23.41 -0.18
CA GLU A 267 -48.59 -22.70 0.50
C GLU A 267 -48.63 -23.05 1.98
N GLY A 268 -48.55 -22.02 2.83
CA GLY A 268 -48.55 -22.22 4.26
C GLY A 268 -47.22 -22.64 4.87
N LYS A 269 -46.13 -22.62 4.11
CA LYS A 269 -44.86 -23.18 4.60
C LYS A 269 -43.74 -22.15 4.78
N LEU A 270 -44.03 -20.85 4.72
CA LEU A 270 -42.96 -19.85 4.85
C LEU A 270 -42.25 -19.95 6.20
N GLN A 271 -43.01 -20.15 7.28
CA GLN A 271 -42.39 -20.31 8.59
C GLN A 271 -41.53 -21.57 8.65
N HIS A 272 -42.02 -22.67 8.08
CA HIS A 272 -41.24 -23.90 8.02
C HIS A 272 -39.93 -23.70 7.28
N LEU A 273 -40.00 -23.05 6.11
CA LEU A 273 -38.79 -22.71 5.38
C LEU A 273 -37.80 -21.95 6.26
N GLU A 274 -38.27 -20.90 6.94
CA GLU A 274 -37.35 -20.10 7.77
C GLU A 274 -36.74 -20.91 8.90
N ASN A 275 -37.50 -21.86 9.45
CA ASN A 275 -37.05 -22.67 10.57
C ASN A 275 -36.00 -23.70 10.16
N GLU A 276 -36.03 -24.16 8.91
CA GLU A 276 -35.23 -25.30 8.51
C GLU A 276 -33.95 -24.94 7.77
N LEU A 277 -33.76 -23.68 7.36
CA LEU A 277 -32.52 -23.31 6.69
C LEU A 277 -31.32 -23.62 7.57
N THR A 278 -30.34 -24.31 6.98
CA THR A 278 -29.05 -24.61 7.62
C THR A 278 -27.96 -24.48 6.57
N HIS A 279 -26.71 -24.35 7.04
N HIS A 279 -26.71 -24.33 7.03
CA HIS A 279 -25.60 -24.23 6.09
CA HIS A 279 -25.62 -24.24 6.06
C HIS A 279 -25.41 -25.53 5.31
C HIS A 279 -25.49 -25.53 5.27
N ASP A 280 -25.68 -26.68 5.92
CA ASP A 280 -25.54 -27.95 5.22
C ASP A 280 -26.57 -28.08 4.10
N ILE A 281 -27.78 -27.57 4.33
CA ILE A 281 -28.83 -27.67 3.31
C ILE A 281 -28.48 -26.80 2.10
N ILE A 282 -27.93 -25.60 2.35
CA ILE A 282 -27.54 -24.69 1.28
C ILE A 282 -26.42 -25.28 0.42
N THR A 283 -25.41 -25.88 1.06
CA THR A 283 -24.31 -26.48 0.32
C THR A 283 -24.81 -27.57 -0.64
N LYS A 284 -25.79 -28.36 -0.20
CA LYS A 284 -26.34 -29.41 -1.06
C LYS A 284 -26.95 -28.85 -2.34
N PHE A 285 -27.68 -27.74 -2.24
CA PHE A 285 -28.27 -27.12 -3.43
C PHE A 285 -27.21 -26.59 -4.37
N LEU A 286 -26.14 -26.00 -3.83
CA LEU A 286 -25.07 -25.46 -4.67
C LEU A 286 -24.33 -26.54 -5.43
N GLU A 287 -24.37 -27.78 -4.94
CA GLU A 287 -23.68 -28.87 -5.62
C GLU A 287 -24.45 -29.40 -6.82
N ASN A 288 -25.75 -29.14 -6.89
CA ASN A 288 -26.56 -29.62 -8.01
C ASN A 288 -26.43 -28.65 -9.17
N GLU A 289 -26.03 -29.17 -10.34
CA GLU A 289 -25.81 -28.37 -11.53
C GLU A 289 -26.87 -28.59 -12.60
N ASP A 290 -27.84 -29.47 -12.34
CA ASP A 290 -28.88 -29.82 -13.31
C ASP A 290 -29.80 -28.63 -13.58
N ARG A 291 -30.41 -28.62 -14.78
CA ARG A 291 -31.34 -27.58 -15.21
C ARG A 291 -32.52 -28.21 -15.94
N ARG A 292 -33.65 -27.52 -15.92
CA ARG A 292 -34.86 -27.98 -16.58
CA ARG A 292 -34.85 -27.99 -16.58
C ARG A 292 -35.60 -26.80 -17.17
N SER A 293 -36.43 -27.07 -18.19
CA SER A 293 -37.23 -25.99 -18.77
C SER A 293 -38.25 -25.51 -17.76
N ALA A 294 -38.36 -24.19 -17.60
CA ALA A 294 -39.42 -23.60 -16.79
C ALA A 294 -39.73 -22.19 -17.29
N SER A 295 -40.96 -21.75 -17.01
CA SER A 295 -41.38 -20.38 -17.25
C SER A 295 -41.24 -19.62 -15.93
N LEU A 296 -40.21 -18.78 -15.82
CA LEU A 296 -39.92 -18.08 -14.58
C LEU A 296 -40.56 -16.69 -14.57
N HIS A 297 -41.23 -16.34 -13.45
CA HIS A 297 -41.71 -14.98 -13.18
C HIS A 297 -41.03 -14.47 -11.93
N LEU A 298 -40.26 -13.39 -12.05
CA LEU A 298 -39.47 -12.90 -10.92
C LEU A 298 -39.60 -11.38 -10.85
N PRO A 299 -40.00 -10.80 -9.71
CA PRO A 299 -40.27 -9.36 -9.70
C PRO A 299 -38.98 -8.54 -9.70
N LYS A 300 -39.06 -7.37 -10.33
CA LYS A 300 -38.04 -6.37 -10.06
C LYS A 300 -38.12 -5.94 -8.59
N LEU A 301 -36.96 -5.63 -8.00
CA LEU A 301 -36.94 -5.26 -6.59
C LEU A 301 -36.08 -4.03 -6.39
N SER A 302 -36.53 -3.18 -5.47
CA SER A 302 -35.74 -2.05 -4.98
CA SER A 302 -35.74 -2.04 -4.98
C SER A 302 -36.06 -1.93 -3.50
N ILE A 303 -35.11 -2.36 -2.66
CA ILE A 303 -35.32 -2.47 -1.21
C ILE A 303 -34.23 -1.70 -0.49
N THR A 304 -34.64 -0.91 0.51
CA THR A 304 -33.70 -0.23 1.40
C THR A 304 -34.17 -0.39 2.84
N GLY A 305 -33.24 -0.64 3.74
CA GLY A 305 -33.60 -0.62 5.15
C GLY A 305 -32.44 -0.31 6.06
N THR A 306 -32.75 0.39 7.14
CA THR A 306 -31.81 0.75 8.20
C THR A 306 -32.20 0.00 9.47
N TYR A 307 -31.24 -0.69 10.07
CA TYR A 307 -31.50 -1.51 11.24
C TYR A 307 -30.72 -0.96 12.43
N ASP A 308 -31.39 -0.83 13.56
CA ASP A 308 -30.72 -0.68 14.86
C ASP A 308 -30.52 -2.09 15.42
N LEU A 309 -29.29 -2.60 15.34
CA LEU A 309 -29.03 -3.99 15.70
C LEU A 309 -28.75 -4.19 17.19
N LYS A 310 -28.72 -3.14 17.99
CA LYS A 310 -28.32 -3.29 19.39
C LYS A 310 -29.18 -4.31 20.12
N SER A 311 -30.51 -4.21 20.00
CA SER A 311 -31.36 -5.10 20.79
C SER A 311 -31.38 -6.52 20.23
N VAL A 312 -31.35 -6.69 18.91
CA VAL A 312 -31.37 -8.06 18.40
C VAL A 312 -30.03 -8.76 18.62
N LEU A 313 -28.92 -8.04 18.45
CA LEU A 313 -27.63 -8.63 18.83
C LEU A 313 -27.60 -8.97 20.31
N GLY A 314 -28.26 -8.15 21.13
CA GLY A 314 -28.41 -8.50 22.54
C GLY A 314 -29.11 -9.84 22.74
N GLN A 315 -30.16 -10.10 21.96
CA GLN A 315 -30.83 -11.38 22.09
C GLN A 315 -30.00 -12.54 21.54
N LEU A 316 -28.98 -12.26 20.72
CA LEU A 316 -28.00 -13.26 20.33
C LEU A 316 -26.83 -13.34 21.32
N GLY A 317 -26.91 -12.61 22.42
CA GLY A 317 -25.94 -12.74 23.48
C GLY A 317 -24.89 -11.65 23.56
N ILE A 318 -24.94 -10.66 22.67
CA ILE A 318 -23.90 -9.61 22.63
C ILE A 318 -24.44 -8.42 23.44
N THR A 319 -24.07 -8.35 24.72
CA THR A 319 -24.64 -7.32 25.57
C THR A 319 -23.59 -6.50 26.34
N LYS A 320 -22.57 -7.15 26.90
CA LYS A 320 -21.61 -6.43 27.72
C LYS A 320 -20.95 -5.27 26.98
N VAL A 321 -20.72 -5.42 25.67
CA VAL A 321 -20.01 -4.37 24.93
C VAL A 321 -20.82 -3.08 24.86
N PHE A 322 -22.14 -3.15 25.03
CA PHE A 322 -23.01 -1.97 25.06
C PHE A 322 -23.28 -1.47 26.48
N SER A 323 -22.67 -2.06 27.49
CA SER A 323 -22.94 -1.73 28.88
C SER A 323 -21.78 -0.92 29.46
N ASN A 324 -22.07 -0.29 30.60
CA ASN A 324 -21.03 0.40 31.36
C ASN A 324 -19.93 -0.54 31.83
N GLY A 325 -20.14 -1.85 31.82
CA GLY A 325 -19.07 -2.76 32.14
C GLY A 325 -18.23 -3.21 30.97
N ALA A 326 -18.48 -2.69 29.75
CA ALA A 326 -17.72 -3.08 28.57
C ALA A 326 -16.22 -3.00 28.81
N ASP A 327 -15.49 -4.02 28.38
CA ASP A 327 -14.03 -4.01 28.44
C ASP A 327 -13.49 -3.83 27.02
N LEU A 328 -13.27 -2.57 26.63
CA LEU A 328 -12.55 -2.23 25.40
C LEU A 328 -11.14 -1.75 25.69
N SER A 329 -10.50 -2.32 26.72
CA SER A 329 -9.17 -1.82 27.10
C SER A 329 -8.09 -2.21 26.10
N GLY A 330 -8.40 -3.07 25.13
CA GLY A 330 -7.48 -3.28 24.02
C GLY A 330 -7.49 -2.20 22.97
N VAL A 331 -8.50 -1.32 22.98
CA VAL A 331 -8.47 -0.13 22.13
C VAL A 331 -7.71 1.00 22.80
N THR A 332 -8.09 1.34 24.03
CA THR A 332 -7.38 2.35 24.80
C THR A 332 -7.45 1.99 26.27
N GLU A 333 -6.38 2.30 26.99
CA GLU A 333 -6.36 2.13 28.43
C GLU A 333 -6.52 3.43 29.18
N GLU A 334 -6.74 4.54 28.47
CA GLU A 334 -6.79 5.85 29.13
C GLU A 334 -8.06 6.02 29.93
N ALA A 335 -9.19 5.56 29.40
CA ALA A 335 -10.49 5.79 30.04
C ALA A 335 -11.44 4.67 29.60
N PRO A 336 -12.48 4.40 30.38
CA PRO A 336 -13.44 3.36 29.99
C PRO A 336 -14.20 3.76 28.72
N LEU A 337 -14.55 2.76 27.94
CA LEU A 337 -15.16 2.94 26.64
C LEU A 337 -16.21 1.85 26.45
N LYS A 338 -17.34 2.19 25.83
CA LYS A 338 -18.33 1.19 25.44
C LYS A 338 -18.91 1.58 24.08
N LEU A 339 -19.60 0.62 23.45
CA LEU A 339 -20.39 0.94 22.26
C LEU A 339 -21.74 1.49 22.66
N SER A 340 -22.20 2.50 21.91
N SER A 340 -22.21 2.48 21.90
CA SER A 340 -23.54 3.03 22.09
CA SER A 340 -23.55 3.00 22.10
C SER A 340 -24.46 2.80 20.90
C SER A 340 -24.46 2.81 20.90
N LYS A 341 -23.92 2.51 19.72
CA LYS A 341 -24.72 2.37 18.52
C LYS A 341 -24.15 1.26 17.62
N ALA A 342 -25.06 0.53 16.98
CA ALA A 342 -24.69 -0.48 15.99
C ALA A 342 -25.76 -0.40 14.91
N VAL A 343 -25.44 0.31 13.82
CA VAL A 343 -26.42 0.62 12.77
C VAL A 343 -25.96 -0.03 11.47
N HIS A 344 -26.89 -0.73 10.80
CA HIS A 344 -26.60 -1.39 9.53
C HIS A 344 -27.57 -0.85 8.50
N LYS A 345 -27.06 -0.48 7.33
CA LYS A 345 -27.93 -0.12 6.21
C LYS A 345 -27.55 -0.98 5.01
N ALA A 346 -28.57 -1.48 4.28
CA ALA A 346 -28.33 -2.28 3.10
C ALA A 346 -29.37 -1.93 2.05
N VAL A 347 -28.95 -1.90 0.78
CA VAL A 347 -29.81 -1.51 -0.33
C VAL A 347 -29.63 -2.55 -1.43
N LEU A 348 -30.72 -2.81 -2.16
CA LEU A 348 -30.77 -3.86 -3.16
C LEU A 348 -31.54 -3.37 -4.37
N THR A 349 -31.00 -3.63 -5.56
CA THR A 349 -31.73 -3.49 -6.83
C THR A 349 -31.63 -4.79 -7.59
N ILE A 350 -32.78 -5.36 -7.97
CA ILE A 350 -32.80 -6.51 -8.88
C ILE A 350 -33.61 -6.11 -10.10
N ASP A 351 -33.03 -6.30 -11.28
CA ASP A 351 -33.72 -5.97 -12.52
C ASP A 351 -33.32 -6.96 -13.61
N GLU A 352 -33.63 -6.61 -14.86
CA GLU A 352 -33.49 -7.57 -15.95
C GLU A 352 -32.04 -7.88 -16.27
N LYS A 353 -31.11 -6.95 -15.98
CA LYS A 353 -29.69 -7.15 -16.25
C LYS A 353 -28.96 -7.91 -15.14
N GLY A 354 -29.42 -7.82 -13.90
CA GLY A 354 -28.66 -8.38 -12.80
C GLY A 354 -29.05 -7.84 -11.43
N THR A 355 -28.07 -7.67 -10.56
CA THR A 355 -28.31 -7.29 -9.18
C THR A 355 -27.22 -6.34 -8.73
N GLU A 356 -27.60 -5.27 -8.05
CA GLU A 356 -26.64 -4.40 -7.38
C GLU A 356 -27.02 -4.29 -5.92
N ALA A 357 -26.03 -4.48 -5.03
CA ALA A 357 -26.33 -4.45 -3.60
C ALA A 357 -25.17 -3.84 -2.86
N ALA A 358 -25.49 -3.17 -1.74
CA ALA A 358 -24.46 -2.59 -0.89
C ALA A 358 -24.89 -2.68 0.57
N GLY A 359 -23.92 -2.72 1.46
CA GLY A 359 -24.21 -2.70 2.88
C GLY A 359 -23.15 -1.91 3.60
N ALA A 360 -23.55 -1.33 4.74
CA ALA A 360 -22.61 -0.65 5.63
C ALA A 360 -22.95 -0.95 7.08
N MET A 361 -21.92 -1.17 7.89
CA MET A 361 -22.07 -1.43 9.32
C MET A 361 -21.30 -0.34 10.06
N PHE A 362 -21.97 0.37 10.96
CA PHE A 362 -21.40 1.52 11.68
C PHE A 362 -21.45 1.25 13.18
N LEU A 363 -20.28 1.21 13.82
CA LEU A 363 -20.17 0.96 15.25
C LEU A 363 -19.57 2.18 15.92
N GLU A 364 -20.20 2.65 17.00
CA GLU A 364 -19.71 3.80 17.77
C GLU A 364 -20.09 3.70 19.26
N ILE B 370 -45.24 -29.59 -21.34
CA ILE B 370 -45.39 -28.18 -20.98
C ILE B 370 -44.52 -27.83 -19.76
N PRO B 371 -43.66 -26.83 -19.90
CA PRO B 371 -42.77 -26.44 -18.79
C PRO B 371 -43.57 -25.85 -17.65
N PRO B 372 -43.19 -26.13 -16.40
CA PRO B 372 -43.92 -25.56 -15.26
C PRO B 372 -43.75 -24.05 -15.19
N GLU B 373 -44.75 -23.40 -14.59
CA GLU B 373 -44.69 -21.98 -14.29
C GLU B 373 -44.21 -21.84 -12.85
N VAL B 374 -43.13 -21.10 -12.66
CA VAL B 374 -42.57 -20.85 -11.34
C VAL B 374 -42.71 -19.35 -11.09
N LYS B 375 -43.63 -18.98 -10.22
CA LYS B 375 -43.98 -17.58 -10.03
C LYS B 375 -43.56 -17.12 -8.64
N PHE B 376 -42.63 -16.17 -8.59
CA PHE B 376 -42.27 -15.55 -7.31
C PHE B 376 -43.22 -14.37 -7.04
N ASN B 377 -44.49 -14.73 -6.82
CA ASN B 377 -45.60 -13.78 -6.72
C ASN B 377 -46.26 -13.84 -5.34
N LYS B 378 -45.49 -14.25 -4.35
CA LYS B 378 -45.89 -14.27 -2.95
C LYS B 378 -44.60 -14.20 -2.13
N PRO B 379 -44.68 -14.04 -0.82
CA PRO B 379 -43.44 -13.87 -0.03
C PRO B 379 -42.41 -14.99 -0.22
N PHE B 380 -41.13 -14.60 -0.33
CA PHE B 380 -40.08 -15.55 -0.59
C PHE B 380 -38.79 -15.08 0.09
N VAL B 381 -37.81 -15.98 0.17
CA VAL B 381 -36.55 -15.72 0.86
C VAL B 381 -35.44 -15.85 -0.18
N PHE B 382 -34.33 -15.13 0.03
CA PHE B 382 -33.21 -15.32 -0.89
C PHE B 382 -31.87 -15.02 -0.23
N LEU B 383 -30.81 -15.53 -0.87
CA LEU B 383 -29.43 -15.42 -0.40
C LEU B 383 -28.53 -15.18 -1.59
N MET B 384 -27.51 -14.33 -1.42
CA MET B 384 -26.50 -14.11 -2.44
C MET B 384 -25.19 -14.65 -1.90
N ILE B 385 -24.58 -15.58 -2.66
CA ILE B 385 -23.42 -16.36 -2.23
C ILE B 385 -22.24 -16.08 -3.15
N GLU B 386 -21.09 -15.78 -2.58
CA GLU B 386 -19.86 -15.69 -3.36
C GLU B 386 -19.31 -17.10 -3.59
N GLN B 387 -18.88 -17.38 -4.83
CA GLN B 387 -18.63 -18.76 -5.25
C GLN B 387 -17.34 -19.34 -4.63
N ASN B 388 -16.26 -18.56 -4.57
CA ASN B 388 -15.00 -19.12 -4.04
C ASN B 388 -15.09 -19.40 -2.54
N THR B 389 -15.62 -18.46 -1.75
CA THR B 389 -15.71 -18.65 -0.31
C THR B 389 -16.98 -19.36 0.12
N LYS B 390 -18.02 -19.40 -0.74
CA LYS B 390 -19.37 -19.82 -0.39
C LYS B 390 -20.00 -18.96 0.72
N SER B 391 -19.48 -17.75 0.94
CA SER B 391 -19.99 -16.98 2.06
C SER B 391 -21.30 -16.25 1.71
N PRO B 392 -22.15 -16.02 2.71
CA PRO B 392 -23.43 -15.33 2.46
C PRO B 392 -23.26 -13.82 2.44
N LEU B 393 -23.07 -13.24 1.26
CA LEU B 393 -22.88 -11.80 1.14
C LEU B 393 -24.11 -11.03 1.61
N PHE B 394 -25.31 -11.46 1.18
CA PHE B 394 -26.56 -10.77 1.52
C PHE B 394 -27.66 -11.80 1.73
N MET B 395 -28.63 -11.45 2.57
CA MET B 395 -29.82 -12.27 2.75
C MET B 395 -31.05 -11.37 2.81
N GLY B 396 -32.17 -11.88 2.29
CA GLY B 396 -33.37 -11.08 2.36
C GLY B 396 -34.66 -11.88 2.34
N LYS B 397 -35.74 -11.17 2.66
CA LYS B 397 -37.09 -11.68 2.47
C LYS B 397 -37.91 -10.60 1.80
N VAL B 398 -38.64 -10.99 0.75
CA VAL B 398 -39.52 -10.08 0.05
C VAL B 398 -40.95 -10.42 0.48
N VAL B 399 -41.60 -9.48 1.16
CA VAL B 399 -43.02 -9.62 1.46
C VAL B 399 -43.87 -8.71 0.57
N ASN B 400 -43.29 -7.67 -0.01
CA ASN B 400 -44.02 -6.69 -0.79
C ASN B 400 -43.07 -5.88 -1.66
N PRO B 401 -43.00 -6.18 -2.96
CA PRO B 401 -42.05 -5.48 -3.84
C PRO B 401 -42.45 -4.05 -4.20
N THR B 402 -43.61 -3.54 -3.78
CA THR B 402 -43.93 -2.16 -4.10
C THR B 402 -43.23 -1.15 -3.19
N GLN B 403 -42.35 -1.60 -2.30
N GLN B 403 -42.37 -1.64 -2.30
CA GLN B 403 -41.54 -0.66 -1.53
CA GLN B 403 -41.53 -0.78 -1.46
C GLN B 403 -40.67 0.20 -2.45
C GLN B 403 -40.19 -0.46 -2.15
N ASP C 1 -6.70 -3.76 2.40
CA ASP C 1 -6.79 -4.58 1.21
C ASP C 1 -6.72 -3.69 -0.01
N VAL C 2 -6.53 -2.41 0.26
CA VAL C 2 -6.19 -1.46 -0.78
C VAL C 2 -4.78 -1.80 -1.27
N GLN C 3 -4.65 -2.09 -2.56
CA GLN C 3 -3.37 -2.46 -3.15
C GLN C 3 -3.18 -1.76 -4.48
N LEU C 4 -1.96 -1.31 -4.73
CA LEU C 4 -1.53 -0.81 -6.04
C LEU C 4 -0.28 -1.58 -6.43
N LYS C 5 -0.35 -2.32 -7.54
CA LYS C 5 0.75 -3.18 -7.99
C LYS C 5 1.21 -2.75 -9.39
N GLN C 6 2.51 -2.53 -9.54
CA GLN C 6 3.08 -2.01 -10.78
C GLN C 6 3.72 -3.11 -11.61
N SER C 7 3.84 -2.85 -12.91
CA SER C 7 4.51 -3.76 -13.83
C SER C 7 6.03 -3.73 -13.59
N GLY C 8 6.73 -4.69 -14.19
CA GLY C 8 8.14 -4.88 -13.91
C GLY C 8 9.02 -3.76 -14.45
N SER C 9 10.24 -3.70 -13.89
CA SER C 9 11.16 -2.61 -14.17
C SER C 9 11.72 -2.71 -15.59
N SER C 10 11.91 -1.56 -16.22
CA SER C 10 12.14 -1.47 -17.66
C SER C 10 13.50 -0.86 -17.97
N LEU C 11 13.98 -1.21 -19.16
CA LEU C 11 15.07 -0.52 -19.83
C LEU C 11 14.48 0.17 -21.06
N VAL C 12 14.63 1.49 -21.14
CA VAL C 12 14.12 2.29 -22.24
C VAL C 12 15.27 2.87 -23.03
N GLN C 13 15.21 2.77 -24.35
CA GLN C 13 16.19 3.42 -25.21
C GLN C 13 15.93 4.93 -25.26
N PRO C 14 16.99 5.74 -25.38
CA PRO C 14 16.79 7.19 -25.50
C PRO C 14 15.92 7.55 -26.70
N SER C 15 15.08 8.57 -26.51
CA SER C 15 14.11 9.11 -27.45
CA SER C 15 14.10 9.11 -27.45
C SER C 15 12.89 8.21 -27.63
N GLN C 16 12.82 7.07 -26.95
CA GLN C 16 11.67 6.18 -27.04
C GLN C 16 10.78 6.35 -25.81
N SER C 17 9.66 5.63 -25.81
CA SER C 17 8.60 5.87 -24.84
C SER C 17 8.60 4.85 -23.70
N LEU C 18 8.03 5.28 -22.57
CA LEU C 18 7.94 4.49 -21.34
C LEU C 18 6.49 4.17 -21.06
N SER C 19 6.20 2.90 -20.75
CA SER C 19 4.84 2.48 -20.40
C SER C 19 4.86 1.71 -19.09
N VAL C 20 4.02 2.11 -18.14
CA VAL C 20 3.89 1.44 -16.86
C VAL C 20 2.41 1.23 -16.57
N THR C 21 2.07 0.06 -16.03
CA THR C 21 0.71 -0.25 -15.62
C THR C 21 0.65 -0.37 -14.10
N CYS C 22 -0.40 0.21 -13.52
CA CYS C 22 -0.71 0.11 -12.10
C CYS C 22 -2.02 -0.66 -12.01
N THR C 23 -2.00 -1.86 -11.41
CA THR C 23 -3.22 -2.63 -11.21
C THR C 23 -3.65 -2.50 -9.75
N VAL C 24 -4.93 -2.19 -9.52
CA VAL C 24 -5.42 -1.89 -8.18
C VAL C 24 -6.47 -2.90 -7.76
N SER C 25 -6.63 -3.04 -6.44
CA SER C 25 -7.69 -3.86 -5.86
C SER C 25 -8.04 -3.30 -4.49
N GLY C 26 -9.17 -3.76 -3.94
CA GLY C 26 -9.64 -3.26 -2.65
C GLY C 26 -10.36 -1.93 -2.69
N PHE C 27 -10.66 -1.41 -3.88
CA PHE C 27 -11.40 -0.19 -4.10
C PHE C 27 -11.67 -0.12 -5.60
N SER C 28 -12.56 0.77 -6.01
CA SER C 28 -12.86 0.91 -7.43
C SER C 28 -12.23 2.17 -7.98
N LEU C 29 -11.73 2.10 -9.22
CA LEU C 29 -11.19 3.28 -9.88
C LEU C 29 -12.28 4.30 -10.20
N THR C 30 -13.55 3.89 -10.19
CA THR C 30 -14.60 4.88 -10.33
C THR C 30 -14.79 5.71 -9.06
N SER C 31 -14.08 5.40 -7.97
CA SER C 31 -14.25 6.11 -6.71
C SER C 31 -13.07 6.96 -6.30
N TYR C 32 -11.85 6.64 -6.75
CA TYR C 32 -10.64 7.32 -6.29
C TYR C 32 -9.70 7.62 -7.46
N GLY C 33 -8.95 8.72 -7.33
CA GLY C 33 -7.96 9.05 -8.33
C GLY C 33 -6.64 8.34 -8.05
N VAL C 34 -5.87 8.13 -9.12
CA VAL C 34 -4.55 7.50 -9.06
C VAL C 34 -3.52 8.44 -9.66
N HIS C 35 -2.47 8.71 -8.88
CA HIS C 35 -1.38 9.62 -9.21
C HIS C 35 -0.16 8.87 -9.70
N TRP C 36 0.71 9.61 -10.39
CA TRP C 36 2.01 9.12 -10.76
C TRP C 36 3.08 10.10 -10.32
N VAL C 37 4.18 9.56 -9.79
CA VAL C 37 5.25 10.29 -9.13
C VAL C 37 6.57 9.61 -9.49
N ARG C 38 7.63 10.39 -9.71
CA ARG C 38 8.93 9.77 -9.90
C ARG C 38 9.93 10.34 -8.91
N GLN C 39 11.02 9.60 -8.74
CA GLN C 39 12.17 10.06 -7.97
C GLN C 39 13.42 9.70 -8.76
N SER C 40 14.12 10.73 -9.25
CA SER C 40 15.37 10.56 -9.97
C SER C 40 16.50 10.35 -8.97
N PRO C 41 17.62 9.78 -9.41
CA PRO C 41 18.77 9.61 -8.50
C PRO C 41 19.25 10.95 -7.97
N GLY C 42 19.38 11.03 -6.65
CA GLY C 42 19.85 12.25 -6.01
C GLY C 42 18.89 13.42 -6.05
N LYS C 43 17.66 13.21 -6.54
CA LYS C 43 16.64 14.25 -6.56
C LYS C 43 15.48 13.83 -5.67
N GLY C 44 14.52 14.74 -5.53
CA GLY C 44 13.37 14.51 -4.67
C GLY C 44 12.23 13.85 -5.40
N LEU C 45 11.11 13.73 -4.69
CA LEU C 45 9.88 13.25 -5.31
C LEU C 45 9.28 14.34 -6.19
N GLU C 46 8.76 13.93 -7.35
CA GLU C 46 8.18 14.86 -8.31
C GLU C 46 6.86 14.30 -8.81
N TRP C 47 5.77 15.00 -8.53
CA TRP C 47 4.45 14.61 -9.01
C TRP C 47 4.35 14.81 -10.51
N LEU C 48 3.78 13.84 -11.21
CA LEU C 48 3.70 13.89 -12.67
C LEU C 48 2.28 14.09 -13.20
N GLY C 49 1.28 13.49 -12.58
CA GLY C 49 -0.09 13.65 -13.02
C GLY C 49 -0.99 12.74 -12.23
N VAL C 50 -2.29 12.81 -12.57
CA VAL C 50 -3.34 12.06 -11.89
C VAL C 50 -4.46 11.81 -12.88
N ILE C 51 -5.14 10.67 -12.73
CA ILE C 51 -6.37 10.42 -13.45
C ILE C 51 -7.49 10.30 -12.41
N TRP C 52 -8.45 11.21 -12.48
CA TRP C 52 -9.50 11.29 -11.49
C TRP C 52 -10.51 10.15 -11.66
N SER C 53 -11.30 9.94 -10.60
CA SER C 53 -12.31 8.88 -10.62
C SER C 53 -13.21 9.00 -11.84
N GLY C 54 -13.55 10.23 -12.23
CA GLY C 54 -14.40 10.44 -13.39
C GLY C 54 -13.72 10.28 -14.73
N GLY C 55 -12.40 10.10 -14.76
CA GLY C 55 -11.67 9.93 -16.01
C GLY C 55 -10.94 11.16 -16.49
N GLY C 56 -11.19 12.33 -15.91
CA GLY C 56 -10.39 13.49 -16.25
C GLY C 56 -8.96 13.36 -15.75
N THR C 57 -8.07 14.16 -16.34
CA THR C 57 -6.66 14.11 -15.96
C THR C 57 -6.13 15.51 -15.68
N ASP C 58 -5.06 15.56 -14.89
CA ASP C 58 -4.26 16.76 -14.68
C ASP C 58 -2.81 16.35 -14.69
N TYR C 59 -1.94 17.20 -15.21
CA TYR C 59 -0.52 16.89 -15.35
C TYR C 59 0.34 18.03 -14.81
N ASN C 60 1.54 17.66 -14.37
CA ASN C 60 2.59 18.63 -14.10
C ASN C 60 2.86 19.46 -15.35
N ALA C 61 2.82 20.79 -15.20
CA ALA C 61 2.89 21.69 -16.35
C ALA C 61 4.14 21.45 -17.19
N ALA C 62 5.25 21.06 -16.55
CA ALA C 62 6.48 20.88 -17.32
C ALA C 62 6.46 19.62 -18.20
N PHE C 63 5.42 18.79 -18.11
CA PHE C 63 5.35 17.53 -18.84
C PHE C 63 4.16 17.44 -19.80
N ILE C 64 3.40 18.53 -20.00
CA ILE C 64 2.09 18.41 -20.67
C ILE C 64 2.23 17.81 -22.05
N SER C 65 3.31 18.16 -22.78
CA SER C 65 3.48 17.61 -24.12
C SER C 65 4.06 16.20 -24.12
N ARG C 66 4.38 15.63 -22.96
CA ARG C 66 5.07 14.34 -22.90
C ARG C 66 4.27 13.21 -22.27
N LEU C 67 3.19 13.50 -21.56
CA LEU C 67 2.60 12.52 -20.66
C LEU C 67 1.20 12.12 -21.11
N SER C 68 0.83 10.89 -20.78
N SER C 68 0.82 10.90 -20.77
CA SER C 68 -0.53 10.42 -20.99
CA SER C 68 -0.54 10.44 -20.99
C SER C 68 -0.88 9.45 -19.89
C SER C 68 -0.90 9.45 -19.92
N ILE C 69 -2.01 9.68 -19.23
CA ILE C 69 -2.53 8.75 -18.24
C ILE C 69 -3.94 8.38 -18.66
N THR C 70 -4.18 7.08 -18.79
CA THR C 70 -5.50 6.54 -19.12
C THR C 70 -5.79 5.41 -18.15
N LYS C 71 -6.98 4.83 -18.25
CA LYS C 71 -7.34 3.74 -17.36
C LYS C 71 -8.45 2.90 -17.97
N ASP C 72 -8.64 1.72 -17.36
CA ASP C 72 -9.74 0.81 -17.68
C ASP C 72 -10.40 0.44 -16.36
N ASN C 73 -11.53 1.09 -16.06
CA ASN C 73 -12.21 0.86 -14.78
C ASN C 73 -12.52 -0.62 -14.58
N SER C 74 -12.98 -1.29 -15.63
CA SER C 74 -13.47 -2.66 -15.47
C SER C 74 -12.36 -3.65 -15.22
N LYS C 75 -11.13 -3.33 -15.62
CA LYS C 75 -9.98 -4.17 -15.34
C LYS C 75 -9.17 -3.69 -14.15
N SER C 76 -9.57 -2.57 -13.54
CA SER C 76 -8.84 -1.97 -12.43
C SER C 76 -7.38 -1.69 -12.80
N GLN C 77 -7.14 -1.21 -14.01
CA GLN C 77 -5.79 -0.86 -14.43
C GLN C 77 -5.70 0.61 -14.80
N VAL C 78 -4.57 1.24 -14.42
CA VAL C 78 -4.21 2.60 -14.81
C VAL C 78 -2.92 2.53 -15.61
N PHE C 79 -2.85 3.30 -16.70
CA PHE C 79 -1.76 3.21 -17.66
C PHE C 79 -1.03 4.55 -17.75
N PHE C 80 0.27 4.52 -17.48
CA PHE C 80 1.15 5.68 -17.56
C PHE C 80 2.02 5.54 -18.79
N LYS C 81 2.09 6.59 -19.61
CA LYS C 81 2.93 6.63 -20.81
C LYS C 81 3.64 7.97 -20.90
N MET C 82 4.95 7.94 -21.13
CA MET C 82 5.74 9.14 -21.33
C MET C 82 6.61 8.93 -22.57
N ASN C 83 6.68 9.93 -23.42
CA ASN C 83 7.42 9.82 -24.68
C ASN C 83 8.77 10.55 -24.58
N SER C 84 9.60 10.32 -25.59
CA SER C 84 10.85 11.05 -25.81
C SER C 84 11.74 11.03 -24.57
N LEU C 85 11.97 9.84 -24.02
CA LEU C 85 12.77 9.76 -22.81
C LEU C 85 14.24 10.04 -23.11
N GLN C 86 14.90 10.70 -22.17
CA GLN C 86 16.33 10.93 -22.25
C GLN C 86 16.97 10.43 -20.97
N ALA C 87 18.30 10.52 -20.94
CA ALA C 87 19.06 9.99 -19.81
C ALA C 87 18.54 10.53 -18.49
N ARG C 88 18.21 11.83 -18.45
CA ARG C 88 17.74 12.44 -17.21
CA ARG C 88 17.71 12.50 -17.26
C ARG C 88 16.35 11.98 -16.79
N ASP C 89 15.69 11.10 -17.55
CA ASP C 89 14.42 10.53 -17.12
C ASP C 89 14.59 9.20 -16.39
N THR C 90 15.82 8.71 -16.23
CA THR C 90 16.08 7.55 -15.38
C THR C 90 15.63 7.85 -13.95
N ALA C 91 14.80 6.98 -13.38
CA ALA C 91 14.17 7.24 -12.10
C ALA C 91 13.32 6.03 -11.71
N ILE C 92 12.88 6.02 -10.47
CA ILE C 92 11.85 5.09 -10.02
C ILE C 92 10.50 5.77 -10.18
N TYR C 93 9.58 5.11 -10.89
CA TYR C 93 8.25 5.64 -11.11
C TYR C 93 7.25 4.90 -10.21
N TYR C 94 6.42 5.67 -9.50
CA TYR C 94 5.42 5.17 -8.57
C TYR C 94 4.01 5.58 -8.99
N CYS C 95 3.05 4.71 -8.73
CA CYS C 95 1.66 5.17 -8.63
C CYS C 95 1.28 5.30 -7.15
N ALA C 96 0.24 6.10 -6.90
CA ALA C 96 -0.27 6.34 -5.55
C ALA C 96 -1.73 6.76 -5.66
N ARG C 97 -2.47 6.65 -4.54
CA ARG C 97 -3.92 6.82 -4.56
C ARG C 97 -4.35 8.03 -3.72
N ASP C 98 -5.46 8.66 -4.13
CA ASP C 98 -6.12 9.69 -3.29
C ASP C 98 -6.32 9.19 -1.87
N PHE C 99 -6.13 10.08 -0.89
CA PHE C 99 -6.34 9.78 0.52
C PHE C 99 -6.97 11.01 1.16
N TYR C 100 -8.07 10.80 1.90
CA TYR C 100 -8.88 11.91 2.44
C TYR C 100 -8.03 12.89 3.24
N GLY C 101 -7.99 14.15 2.78
CA GLY C 101 -7.14 15.16 3.38
C GLY C 101 -7.89 16.38 3.90
N ASN C 102 -9.21 16.22 4.04
CA ASN C 102 -10.17 17.12 4.69
C ASN C 102 -10.77 18.15 3.74
N TYR C 103 -12.05 18.47 4.00
CA TYR C 103 -12.78 19.53 3.31
C TYR C 103 -12.85 19.27 1.81
N GLY C 104 -12.87 17.99 1.42
CA GLY C 104 -12.96 17.64 0.02
C GLY C 104 -11.65 17.58 -0.73
N ARG C 105 -10.53 17.91 -0.10
CA ARG C 105 -9.23 17.76 -0.74
C ARG C 105 -8.63 16.40 -0.38
N TYR C 106 -7.79 15.87 -1.28
CA TYR C 106 -7.15 14.57 -1.12
C TYR C 106 -5.64 14.69 -1.28
N THR C 107 -4.88 14.07 -0.38
CA THR C 107 -3.44 13.93 -0.54
C THR C 107 -3.14 12.51 -1.06
N MET C 108 -1.87 12.11 -1.06
CA MET C 108 -1.46 10.80 -1.60
C MET C 108 -1.14 9.81 -0.49
N ASN C 109 -1.56 8.55 -0.68
CA ASN C 109 -1.18 7.46 0.20
C ASN C 109 -1.28 6.17 -0.62
N TYR C 110 -0.97 5.03 0.01
CA TYR C 110 -1.11 3.72 -0.64
C TYR C 110 -0.28 3.62 -1.92
N TRP C 111 1.02 3.76 -1.76
CA TRP C 111 1.95 3.79 -2.88
C TRP C 111 2.14 2.41 -3.50
N GLY C 112 2.23 2.38 -4.82
CA GLY C 112 2.74 1.18 -5.50
C GLY C 112 4.19 0.91 -5.13
N GLN C 113 4.69 -0.25 -5.57
CA GLN C 113 6.03 -0.63 -5.13
C GLN C 113 7.13 0.05 -5.93
N GLY C 114 6.79 0.79 -6.98
CA GLY C 114 7.78 1.47 -7.78
C GLY C 114 8.25 0.65 -8.96
N THR C 115 8.51 1.31 -10.09
CA THR C 115 9.09 0.69 -11.28
C THR C 115 10.39 1.42 -11.59
N SER C 116 11.52 0.74 -11.40
CA SER C 116 12.80 1.36 -11.75
C SER C 116 12.96 1.41 -13.26
N VAL C 117 13.24 2.60 -13.78
CA VAL C 117 13.42 2.83 -15.20
C VAL C 117 14.82 3.39 -15.41
N THR C 118 15.58 2.76 -16.30
CA THR C 118 16.87 3.27 -16.74
C THR C 118 16.76 3.59 -18.22
N VAL C 119 17.21 4.79 -18.60
CA VAL C 119 17.19 5.23 -19.99
C VAL C 119 18.62 5.22 -20.51
N SER C 120 18.88 4.36 -21.49
CA SER C 120 20.26 4.08 -21.90
C SER C 120 20.22 3.21 -23.15
N SER C 121 21.18 3.43 -24.04
CA SER C 121 21.32 2.54 -25.18
C SER C 121 22.41 1.49 -24.97
N ALA C 122 22.91 1.34 -23.74
CA ALA C 122 23.97 0.38 -23.47
C ALA C 122 23.48 -1.08 -23.61
N LYS C 123 24.41 -1.96 -23.94
CA LYS C 123 24.17 -3.40 -24.00
C LYS C 123 24.71 -4.06 -22.75
N THR C 124 24.13 -5.21 -22.39
CA THR C 124 24.63 -5.96 -21.24
C THR C 124 26.10 -6.31 -21.47
N THR C 125 26.93 -6.00 -20.48
CA THR C 125 28.38 -6.01 -20.60
C THR C 125 28.94 -6.50 -19.28
N PRO C 126 29.77 -7.54 -19.30
CA PRO C 126 30.38 -8.02 -18.05
C PRO C 126 31.45 -7.05 -17.58
N PRO C 127 31.73 -7.03 -16.28
CA PRO C 127 32.76 -6.13 -15.77
C PRO C 127 34.16 -6.70 -15.91
N SER C 128 35.14 -5.81 -15.90
CA SER C 128 36.53 -6.17 -15.66
C SER C 128 36.78 -6.00 -14.17
N VAL C 129 37.55 -6.90 -13.57
CA VAL C 129 37.81 -6.84 -12.14
C VAL C 129 39.31 -6.67 -11.94
N TYR C 130 39.71 -5.57 -11.27
CA TYR C 130 41.13 -5.27 -11.13
C TYR C 130 41.54 -5.22 -9.66
N PRO C 131 42.64 -5.89 -9.28
CA PRO C 131 43.06 -5.87 -7.88
C PRO C 131 43.71 -4.55 -7.51
N LEU C 132 43.47 -4.09 -6.28
CA LEU C 132 44.10 -2.88 -5.74
C LEU C 132 45.00 -3.31 -4.56
N ALA C 133 46.30 -3.29 -4.79
CA ALA C 133 47.28 -3.61 -3.77
C ALA C 133 48.21 -2.43 -3.54
N PRO C 134 48.70 -2.23 -2.30
CA PRO C 134 49.54 -1.06 -2.02
C PRO C 134 50.85 -1.10 -2.77
N GLY C 135 51.40 0.09 -3.04
CA GLY C 135 52.67 0.18 -3.73
C GLY C 135 53.77 -0.57 -3.03
N SER C 136 54.78 -0.97 -3.81
CA SER C 136 55.90 -1.78 -3.33
C SER C 136 56.43 -1.31 -1.98
N ALA C 137 56.67 -0.01 -1.86
CA ALA C 137 56.99 0.63 -0.60
C ALA C 137 55.76 1.37 -0.10
N ALA C 138 55.38 1.12 1.15
CA ALA C 138 54.25 1.83 1.76
C ALA C 138 54.25 1.68 3.28
N ASN C 142 51.91 -0.63 8.95
CA ASN C 142 51.40 -0.31 10.28
C ASN C 142 50.56 -1.46 10.85
N SER C 143 49.57 -1.11 11.68
CA SER C 143 48.75 -2.13 12.33
C SER C 143 47.71 -2.72 11.37
N MET C 144 47.14 -1.90 10.51
CA MET C 144 46.13 -2.33 9.55
CA MET C 144 46.13 -2.34 9.55
C MET C 144 46.62 -2.05 8.13
N VAL C 145 46.05 -2.78 7.17
CA VAL C 145 46.34 -2.58 5.76
C VAL C 145 45.02 -2.57 5.01
N THR C 146 44.91 -1.69 4.03
CA THR C 146 43.72 -1.59 3.20
C THR C 146 44.02 -2.10 1.79
N LEU C 147 43.13 -2.94 1.27
CA LEU C 147 43.19 -3.48 -0.07
C LEU C 147 41.90 -3.10 -0.80
N GLY C 148 41.85 -3.35 -2.10
CA GLY C 148 40.65 -3.00 -2.83
C GLY C 148 40.47 -3.79 -4.11
N CYS C 149 39.31 -3.58 -4.72
CA CYS C 149 38.95 -4.14 -6.02
C CYS C 149 38.23 -3.05 -6.83
N LEU C 150 38.59 -2.94 -8.10
CA LEU C 150 37.98 -1.99 -9.01
C LEU C 150 37.18 -2.78 -10.03
N VAL C 151 35.88 -2.55 -10.08
CA VAL C 151 34.93 -3.29 -10.93
C VAL C 151 34.48 -2.33 -12.02
N LYS C 152 35.00 -2.48 -13.22
CA LYS C 152 34.97 -1.42 -14.22
C LYS C 152 34.22 -1.86 -15.49
N GLY C 153 33.32 -1.01 -15.95
CA GLY C 153 32.74 -1.14 -17.29
C GLY C 153 31.65 -2.17 -17.47
N TYR C 154 30.70 -2.27 -16.54
CA TYR C 154 29.62 -3.24 -16.68
C TYR C 154 28.28 -2.56 -16.95
N PHE C 155 27.33 -3.34 -17.49
CA PHE C 155 25.94 -2.89 -17.64
C PHE C 155 25.05 -4.11 -17.72
N PRO C 156 23.88 -4.11 -17.09
CA PRO C 156 23.31 -3.08 -16.20
C PRO C 156 23.74 -3.29 -14.76
N GLU C 157 23.28 -2.41 -13.87
CA GLU C 157 23.40 -2.65 -12.45
C GLU C 157 22.47 -3.78 -12.06
N PRO C 158 22.75 -4.47 -10.94
CA PRO C 158 23.90 -4.29 -10.04
C PRO C 158 25.01 -5.31 -10.22
N VAL C 159 26.13 -5.04 -9.55
CA VAL C 159 27.12 -6.05 -9.21
C VAL C 159 27.10 -6.19 -7.70
N THR C 160 27.49 -7.36 -7.22
CA THR C 160 27.70 -7.58 -5.79
C THR C 160 29.17 -7.92 -5.56
N VAL C 161 29.74 -7.36 -4.49
CA VAL C 161 31.13 -7.62 -4.12
C VAL C 161 31.14 -8.15 -2.68
N THR C 162 31.85 -9.25 -2.47
CA THR C 162 32.17 -9.73 -1.14
C THR C 162 33.68 -9.96 -1.06
N TRP C 163 34.16 -10.18 0.15
CA TRP C 163 35.56 -10.43 0.40
C TRP C 163 35.69 -11.74 1.16
N ASN C 164 36.55 -12.63 0.66
CA ASN C 164 36.66 -14.02 1.15
C ASN C 164 35.28 -14.64 1.36
N SER C 165 34.42 -14.48 0.36
CA SER C 165 33.09 -15.09 0.33
C SER C 165 32.20 -14.58 1.45
N GLY C 166 32.42 -13.34 1.89
CA GLY C 166 31.66 -12.76 2.97
C GLY C 166 32.27 -12.95 4.35
N SER C 167 33.39 -13.68 4.45
CA SER C 167 34.06 -13.90 5.72
C SER C 167 34.67 -12.62 6.27
N LEU C 168 35.10 -11.71 5.41
CA LEU C 168 35.54 -10.39 5.82
C LEU C 168 34.34 -9.46 5.66
N SER C 169 33.57 -9.35 6.73
CA SER C 169 32.37 -8.52 6.78
C SER C 169 32.65 -7.15 7.36
N SER C 170 33.23 -7.11 8.56
CA SER C 170 33.71 -5.87 9.14
C SER C 170 34.88 -5.34 8.31
N GLY C 171 34.96 -4.03 8.18
CA GLY C 171 36.08 -3.41 7.50
C GLY C 171 35.89 -3.16 6.02
N VAL C 172 34.70 -3.39 5.48
CA VAL C 172 34.44 -3.30 4.05
C VAL C 172 33.70 -2.01 3.75
N HIS C 173 34.07 -1.35 2.65
CA HIS C 173 33.29 -0.25 2.09
C HIS C 173 33.13 -0.54 0.61
N THR C 174 31.88 -0.64 0.15
CA THR C 174 31.61 -0.78 -1.28
C THR C 174 30.89 0.48 -1.72
N PHE C 175 31.44 1.15 -2.68
CA PHE C 175 31.01 2.49 -3.03
C PHE C 175 29.98 2.44 -4.15
N PRO C 176 29.03 3.39 -4.16
CA PRO C 176 28.04 3.43 -5.23
C PRO C 176 28.72 3.55 -6.59
N ALA C 177 28.15 2.85 -7.57
CA ALA C 177 28.65 2.92 -8.93
C ALA C 177 28.43 4.30 -9.53
N VAL C 178 29.31 4.68 -10.47
CA VAL C 178 29.13 5.87 -11.27
C VAL C 178 29.21 5.50 -12.74
N LEU C 179 28.60 6.34 -13.58
CA LEU C 179 28.66 6.17 -15.02
C LEU C 179 30.02 6.62 -15.54
N GLN C 180 30.65 5.77 -16.35
CA GLN C 180 31.94 6.07 -16.95
C GLN C 180 31.93 5.45 -18.34
N SER C 181 31.90 6.30 -19.38
CA SER C 181 31.83 5.85 -20.77
C SER C 181 30.57 5.02 -21.04
N ASP C 182 29.43 5.52 -20.53
CA ASP C 182 28.11 4.90 -20.67
C ASP C 182 28.01 3.53 -20.00
N LEU C 183 28.97 3.18 -19.16
CA LEU C 183 28.96 1.95 -18.39
C LEU C 183 29.22 2.27 -16.94
N TYR C 184 28.98 1.32 -16.06
CA TYR C 184 29.13 1.56 -14.63
C TYR C 184 30.49 1.10 -14.14
N THR C 185 30.99 1.79 -13.12
CA THR C 185 32.22 1.46 -12.42
C THR C 185 31.97 1.63 -10.93
N LEU C 186 32.38 0.64 -10.12
CA LEU C 186 32.46 0.87 -8.70
C LEU C 186 33.76 0.30 -8.16
N SER C 187 34.00 0.58 -6.89
CA SER C 187 35.16 0.08 -6.16
C SER C 187 34.71 -0.38 -4.79
N SER C 188 35.53 -1.23 -4.18
CA SER C 188 35.27 -1.75 -2.84
C SER C 188 36.61 -1.84 -2.11
N SER C 189 36.64 -1.42 -0.84
CA SER C 189 37.85 -1.52 -0.04
C SER C 189 37.61 -2.47 1.12
N VAL C 190 38.69 -3.15 1.56
CA VAL C 190 38.65 -3.96 2.77
C VAL C 190 39.89 -3.64 3.60
N THR C 191 39.70 -3.54 4.92
CA THR C 191 40.77 -3.21 5.86
C THR C 191 40.94 -4.39 6.81
N VAL C 192 42.15 -4.91 6.91
CA VAL C 192 42.44 -6.09 7.74
C VAL C 192 43.71 -5.83 8.54
N PRO C 193 43.96 -6.62 9.60
CA PRO C 193 45.24 -6.47 10.31
C PRO C 193 46.40 -6.85 9.41
N SER C 194 47.49 -6.09 9.50
CA SER C 194 48.63 -6.36 8.64
C SER C 194 49.30 -7.69 8.97
N SER C 195 49.06 -8.24 10.16
CA SER C 195 49.51 -9.60 10.47
C SER C 195 48.78 -10.64 9.63
N THR C 196 47.64 -10.28 9.02
CA THR C 196 46.84 -11.23 8.27
C THR C 196 47.08 -11.17 6.77
N TRP C 197 47.65 -10.09 6.24
CA TRP C 197 47.90 -9.99 4.81
C TRP C 197 49.29 -9.38 4.61
N PRO C 198 50.08 -9.92 3.66
CA PRO C 198 49.76 -11.00 2.71
C PRO C 198 49.92 -12.41 3.24
N SER C 199 50.19 -12.61 4.54
CA SER C 199 50.41 -13.96 5.04
C SER C 199 49.20 -14.86 4.80
N GLU C 200 48.00 -14.30 4.79
CA GLU C 200 46.79 -15.05 4.46
C GLU C 200 46.14 -14.43 3.23
N THR C 201 45.51 -15.28 2.42
CA THR C 201 44.95 -14.82 1.16
C THR C 201 43.74 -13.92 1.41
N VAL C 202 43.63 -12.88 0.60
CA VAL C 202 42.46 -12.02 0.55
C VAL C 202 41.98 -11.96 -0.89
N THR C 203 40.70 -12.25 -1.10
CA THR C 203 40.11 -12.36 -2.43
C THR C 203 38.81 -11.57 -2.48
N CYS C 204 38.64 -10.77 -3.52
CA CYS C 204 37.33 -10.16 -3.74
C CYS C 204 36.52 -11.01 -4.70
N ASN C 205 35.25 -11.21 -4.38
CA ASN C 205 34.33 -12.00 -5.19
C ASN C 205 33.30 -11.06 -5.77
N VAL C 206 33.24 -11.00 -7.11
CA VAL C 206 32.35 -10.09 -7.83
C VAL C 206 31.33 -10.93 -8.59
N ALA C 207 30.06 -10.55 -8.48
CA ALA C 207 29.00 -11.23 -9.22
C ALA C 207 28.23 -10.22 -10.05
N HIS C 208 27.96 -10.57 -11.30
CA HIS C 208 27.18 -9.74 -12.21
C HIS C 208 26.07 -10.62 -12.78
N PRO C 209 24.93 -10.71 -12.10
CA PRO C 209 23.86 -11.61 -12.54
C PRO C 209 23.40 -11.41 -13.97
N ALA C 210 23.38 -10.16 -14.46
CA ALA C 210 22.80 -9.94 -15.78
C ALA C 210 23.60 -10.63 -16.89
N SER C 211 24.92 -10.78 -16.71
CA SER C 211 25.76 -11.50 -17.66
C SER C 211 26.13 -12.91 -17.18
N SER C 212 25.55 -13.37 -16.08
CA SER C 212 25.82 -14.70 -15.54
C SER C 212 27.30 -14.92 -15.26
N THR C 213 27.94 -13.91 -14.68
CA THR C 213 29.37 -13.90 -14.44
C THR C 213 29.67 -13.84 -12.95
N LYS C 214 30.61 -14.66 -12.50
CA LYS C 214 31.29 -14.49 -11.22
C LYS C 214 32.80 -14.47 -11.46
N VAL C 215 33.49 -13.56 -10.78
CA VAL C 215 34.94 -13.43 -10.86
C VAL C 215 35.52 -13.39 -9.45
N ASP C 216 36.53 -14.22 -9.20
CA ASP C 216 37.34 -14.16 -7.99
C ASP C 216 38.71 -13.60 -8.33
N LYS C 217 39.16 -12.61 -7.57
CA LYS C 217 40.44 -11.96 -7.82
C LYS C 217 41.21 -11.90 -6.50
N LYS C 218 42.22 -12.74 -6.38
CA LYS C 218 43.09 -12.72 -5.21
C LYS C 218 43.98 -11.49 -5.27
N ILE C 219 44.13 -10.80 -4.15
CA ILE C 219 44.97 -9.61 -4.07
C ILE C 219 46.39 -10.07 -3.73
N VAL C 220 47.32 -9.89 -4.66
CA VAL C 220 48.70 -10.33 -4.42
C VAL C 220 49.59 -9.12 -4.21
N PRO C 221 50.59 -9.22 -3.31
CA PRO C 221 51.51 -8.10 -3.10
C PRO C 221 52.22 -7.72 -4.38
N ARG C 222 52.55 -6.43 -4.50
CA ARG C 222 53.29 -5.93 -5.64
C ARG C 222 54.79 -6.10 -5.45
N ASP D 1 1.41 24.48 -10.74
CA ASP D 1 2.24 25.67 -10.89
C ASP D 1 2.64 26.28 -9.54
N ILE D 2 2.01 25.85 -8.43
CA ILE D 2 2.40 26.36 -7.12
C ILE D 2 3.81 25.86 -6.79
N GLN D 3 4.70 26.80 -6.46
CA GLN D 3 6.08 26.48 -6.11
C GLN D 3 6.22 26.34 -4.60
N VAL D 4 7.08 25.41 -4.18
CA VAL D 4 7.28 25.12 -2.76
C VAL D 4 8.78 25.11 -2.47
N THR D 5 9.20 25.90 -1.49
CA THR D 5 10.60 25.99 -1.07
C THR D 5 10.76 25.33 0.30
N GLN D 6 11.39 24.16 0.33
CA GLN D 6 11.60 23.42 1.58
C GLN D 6 13.03 23.64 2.04
N THR D 7 13.21 23.95 3.31
CA THR D 7 14.55 24.21 3.82
C THR D 7 14.72 23.68 5.23
N PRO D 8 15.93 23.23 5.60
CA PRO D 8 17.15 23.11 4.77
C PRO D 8 17.11 21.85 3.91
N SER D 9 17.94 21.74 2.89
CA SER D 9 17.95 20.55 2.06
CA SER D 9 17.96 20.54 2.06
C SER D 9 18.68 19.37 2.72
N SER D 10 19.52 19.64 3.71
CA SER D 10 20.20 18.58 4.44
C SER D 10 20.42 19.07 5.86
N LEU D 11 20.42 18.13 6.81
CA LEU D 11 20.50 18.50 8.22
C LEU D 11 21.18 17.38 8.99
N SER D 12 22.26 17.72 9.69
CA SER D 12 22.87 16.84 10.68
C SER D 12 22.28 17.16 12.05
N ALA D 13 21.62 16.20 12.66
CA ALA D 13 20.97 16.38 13.95
C ALA D 13 21.51 15.41 14.98
N SER D 14 21.52 15.83 16.24
CA SER D 14 21.99 14.97 17.32
CA SER D 14 21.99 14.99 17.33
C SER D 14 20.89 14.03 17.77
N LEU D 15 21.29 12.81 18.14
CA LEU D 15 20.34 11.86 18.72
C LEU D 15 19.69 12.50 19.94
N GLY D 16 18.37 12.41 20.02
CA GLY D 16 17.66 13.01 21.14
C GLY D 16 17.37 14.49 20.99
N GLY D 17 17.80 15.11 19.89
CA GLY D 17 17.62 16.53 19.69
C GLY D 17 16.35 16.82 18.93
N LYS D 18 16.19 18.07 18.54
CA LYS D 18 15.01 18.49 17.79
C LYS D 18 15.45 19.06 16.44
N VAL D 19 14.70 18.74 15.40
CA VAL D 19 14.95 19.26 14.06
C VAL D 19 13.68 19.96 13.59
N THR D 20 13.86 21.04 12.85
CA THR D 20 12.72 21.76 12.27
C THR D 20 12.99 22.05 10.81
N ILE D 21 12.01 21.71 9.98
CA ILE D 21 12.02 21.95 8.54
C ILE D 21 10.90 22.94 8.24
N THR D 22 11.13 23.86 7.29
CA THR D 22 10.07 24.78 6.88
C THR D 22 9.70 24.59 5.41
N CYS D 23 8.43 24.83 5.09
CA CYS D 23 7.98 24.88 3.70
C CYS D 23 7.24 26.18 3.45
N LYS D 24 7.70 26.95 2.46
CA LYS D 24 7.08 28.20 2.04
C LYS D 24 6.54 28.03 0.63
N THR D 25 5.28 28.42 0.42
CA THR D 25 4.63 28.26 -0.86
C THR D 25 4.53 29.61 -1.58
N SER D 26 4.33 29.52 -2.89
CA SER D 26 4.26 30.73 -3.70
C SER D 26 2.90 31.40 -3.63
N GLN D 27 1.89 30.76 -3.02
CA GLN D 27 0.64 31.42 -2.69
C GLN D 27 -0.01 30.64 -1.57
N ASP D 28 -1.06 31.25 -1.00
CA ASP D 28 -1.79 30.65 0.13
C ASP D 28 -2.31 29.27 -0.26
N ILE D 29 -1.96 28.26 0.53
CA ILE D 29 -2.44 26.90 0.28
C ILE D 29 -3.48 26.46 1.31
N ASN D 30 -3.96 27.37 2.17
CA ASN D 30 -5.15 27.12 3.00
C ASN D 30 -5.00 25.86 3.86
N LYS D 31 -3.80 25.66 4.37
CA LYS D 31 -3.44 24.59 5.30
C LYS D 31 -3.50 23.19 4.69
N PHE D 32 -3.65 23.07 3.36
CA PHE D 32 -3.55 21.76 2.70
C PHE D 32 -2.08 21.43 2.39
N ILE D 33 -1.35 21.08 3.44
CA ILE D 33 0.00 20.58 3.31
C ILE D 33 0.10 19.26 4.06
N ALA D 34 0.86 18.32 3.52
CA ALA D 34 1.10 17.03 4.16
C ALA D 34 2.61 16.79 4.24
N TRP D 35 3.01 15.90 5.15
CA TRP D 35 4.43 15.61 5.35
C TRP D 35 4.68 14.10 5.25
N TYR D 36 5.74 13.73 4.52
CA TYR D 36 6.08 12.34 4.25
C TYR D 36 7.49 12.01 4.74
N GLN D 37 7.66 10.78 5.21
CA GLN D 37 8.95 10.19 5.48
C GLN D 37 9.31 9.20 4.37
N HIS D 38 10.56 9.25 3.90
CA HIS D 38 10.99 8.36 2.82
C HIS D 38 12.33 7.70 3.16
N LYS D 39 12.30 6.39 3.32
CA LYS D 39 13.50 5.60 3.49
C LYS D 39 13.81 4.80 2.22
N PRO D 40 15.08 4.51 1.95
CA PRO D 40 15.44 3.77 0.73
C PRO D 40 14.76 2.41 0.69
N GLY D 41 14.29 2.03 -0.48
CA GLY D 41 13.63 0.75 -0.66
C GLY D 41 12.28 0.62 0.02
N LYS D 42 11.64 1.75 0.37
CA LYS D 42 10.34 1.76 0.99
C LYS D 42 9.46 2.78 0.29
N GLY D 43 8.15 2.61 0.44
CA GLY D 43 7.23 3.61 -0.03
C GLY D 43 7.25 4.81 0.88
N PRO D 44 7.01 6.00 0.33
CA PRO D 44 6.79 7.17 1.20
C PRO D 44 5.67 6.90 2.20
N ARG D 45 5.87 7.37 3.42
CA ARG D 45 4.98 7.11 4.54
C ARG D 45 4.35 8.43 4.97
N LEU D 46 3.02 8.50 4.91
CA LEU D 46 2.30 9.73 5.30
C LEU D 46 2.37 9.93 6.82
N LEU D 47 2.92 11.08 7.25
CA LEU D 47 3.00 11.39 8.67
C LEU D 47 1.88 12.30 9.14
N ILE D 48 1.61 13.36 8.38
CA ILE D 48 0.75 14.47 8.76
C ILE D 48 0.00 14.93 7.53
N HIS D 49 -1.30 15.23 7.68
CA HIS D 49 -2.04 15.96 6.66
C HIS D 49 -2.75 17.13 7.32
N TYR D 50 -3.27 18.03 6.46
CA TYR D 50 -3.91 19.26 6.87
C TYR D 50 -3.07 19.98 7.93
N THR D 51 -1.78 20.15 7.63
CA THR D 51 -0.81 20.94 8.41
C THR D 51 -0.31 20.27 9.69
N SER D 52 -1.22 19.78 10.53
CA SER D 52 -0.86 19.35 11.86
C SER D 52 -1.48 18.03 12.30
N THR D 53 -2.28 17.35 11.47
CA THR D 53 -3.00 16.15 11.88
C THR D 53 -2.10 14.92 11.67
N LEU D 54 -1.67 14.27 12.75
CA LEU D 54 -0.88 13.04 12.66
C LEU D 54 -1.76 11.86 12.23
N GLN D 55 -1.18 10.92 11.47
CA GLN D 55 -1.93 9.70 11.17
C GLN D 55 -1.94 8.80 12.41
N PRO D 56 -2.93 7.90 12.53
CA PRO D 56 -2.88 6.92 13.62
C PRO D 56 -1.57 6.12 13.58
N GLY D 57 -0.97 5.94 14.75
CA GLY D 57 0.27 5.20 14.87
C GLY D 57 1.54 6.01 14.70
N ILE D 58 1.46 7.25 14.26
CA ILE D 58 2.65 8.10 14.12
C ILE D 58 3.07 8.59 15.51
N PRO D 59 4.36 8.48 15.87
CA PRO D 59 4.77 8.85 17.24
C PRO D 59 4.58 10.34 17.51
N SER D 60 4.43 10.67 18.80
CA SER D 60 4.25 12.07 19.19
C SER D 60 5.50 12.92 18.94
N ARG D 61 6.65 12.29 18.61
CA ARG D 61 7.86 13.03 18.21
C ARG D 61 7.59 13.97 17.05
N PHE D 62 6.63 13.65 16.19
CA PHE D 62 6.37 14.42 14.98
C PHE D 62 5.26 15.45 15.22
N SER D 63 5.42 16.62 14.60
CA SER D 63 4.43 17.70 14.72
C SER D 63 4.56 18.63 13.52
N GLY D 64 3.48 19.34 13.22
CA GLY D 64 3.50 20.32 12.15
C GLY D 64 2.65 21.52 12.52
N SER D 65 2.97 22.67 11.92
CA SER D 65 2.18 23.88 12.18
C SER D 65 2.26 24.79 10.96
N GLY D 66 1.49 25.87 11.00
CA GLY D 66 1.56 26.90 9.98
C GLY D 66 0.20 27.28 9.43
N SER D 67 0.22 28.24 8.51
CA SER D 67 -0.96 28.70 7.78
C SER D 67 -0.48 29.65 6.68
N GLY D 68 -1.43 30.07 5.85
CA GLY D 68 -1.12 30.94 4.72
C GLY D 68 -0.09 30.30 3.80
N ARG D 69 1.12 30.88 3.76
CA ARG D 69 2.19 30.42 2.90
C ARG D 69 3.36 29.81 3.66
N ASP D 70 3.31 29.78 4.99
CA ASP D 70 4.46 29.40 5.82
C ASP D 70 4.12 28.24 6.73
N TYR D 71 4.80 27.12 6.54
CA TYR D 71 4.54 25.90 7.29
C TYR D 71 5.84 25.39 7.89
N SER D 72 5.71 24.62 8.97
CA SER D 72 6.88 24.01 9.59
C SER D 72 6.53 22.61 10.07
N PHE D 73 7.59 21.81 10.24
CA PHE D 73 7.52 20.40 10.62
C PHE D 73 8.69 20.14 11.56
N SER D 74 8.43 19.41 12.64
CA SER D 74 9.45 19.20 13.66
C SER D 74 9.46 17.74 14.10
N ILE D 75 10.66 17.27 14.44
CA ILE D 75 10.88 15.97 15.06
C ILE D 75 11.60 16.21 16.37
N SER D 76 10.94 15.91 17.47
CA SER D 76 11.55 16.03 18.80
C SER D 76 12.08 14.67 19.23
N ASN D 77 13.06 14.68 20.12
CA ASN D 77 13.64 13.43 20.62
C ASN D 77 14.10 12.51 19.48
N LEU D 78 14.86 13.07 18.55
CA LEU D 78 15.26 12.34 17.34
C LEU D 78 15.83 10.96 17.66
N GLU D 79 15.27 9.91 17.00
CA GLU D 79 15.70 8.53 17.19
C GLU D 79 16.34 7.97 15.93
N PRO D 80 17.13 6.89 16.03
CA PRO D 80 17.81 6.37 14.83
C PRO D 80 16.86 5.96 13.72
N GLU D 81 15.68 5.46 14.08
CA GLU D 81 14.65 5.08 13.11
C GLU D 81 14.05 6.28 12.38
N ASP D 82 14.29 7.50 12.85
CA ASP D 82 13.82 8.71 12.18
C ASP D 82 14.77 9.22 11.11
N ILE D 83 15.97 8.67 11.01
CA ILE D 83 16.94 9.09 9.98
C ILE D 83 16.37 8.69 8.63
N ALA D 84 16.04 9.67 7.80
CA ALA D 84 15.32 9.45 6.55
C ALA D 84 15.37 10.76 5.78
N THR D 85 14.75 10.75 4.60
CA THR D 85 14.48 12.00 3.90
C THR D 85 13.02 12.37 4.09
N TYR D 86 12.74 13.66 4.31
CA TYR D 86 11.39 14.16 4.60
C TYR D 86 10.95 15.14 3.53
N TYR D 87 9.64 15.11 3.17
CA TYR D 87 9.09 15.94 2.12
C TYR D 87 7.81 16.59 2.60
N CYS D 88 7.63 17.88 2.31
CA CYS D 88 6.29 18.43 2.38
C CYS D 88 5.61 18.29 1.02
N LEU D 89 4.29 18.38 1.03
CA LEU D 89 3.46 18.28 -0.18
C LEU D 89 2.29 19.25 -0.04
N GLN D 90 2.21 20.24 -0.91
CA GLN D 90 0.98 21.04 -0.98
C GLN D 90 -0.03 20.29 -1.84
N TYR D 91 -1.27 20.20 -1.38
CA TYR D 91 -2.35 19.56 -2.13
C TYR D 91 -3.58 20.46 -2.20
N ASP D 92 -3.36 21.77 -2.20
CA ASP D 92 -4.46 22.73 -2.32
C ASP D 92 -4.84 22.96 -3.77
N ASN D 93 -3.85 23.06 -4.65
CA ASN D 93 -4.07 23.33 -6.07
C ASN D 93 -3.16 22.37 -6.83
N LEU D 94 -3.72 21.26 -7.30
CA LEU D 94 -2.91 20.12 -7.74
C LEU D 94 -1.89 19.79 -6.65
N TYR D 95 -0.68 19.39 -7.02
CA TYR D 95 0.25 18.75 -6.08
C TYR D 95 1.68 19.19 -6.35
N THR D 96 2.40 19.57 -5.30
CA THR D 96 3.81 19.94 -5.44
C THR D 96 4.58 19.50 -4.22
N PHE D 97 5.57 18.62 -4.40
CA PHE D 97 6.49 18.26 -3.32
C PHE D 97 7.55 19.33 -3.12
N GLY D 98 7.88 19.60 -1.87
CA GLY D 98 9.10 20.34 -1.59
C GLY D 98 10.33 19.55 -2.01
N GLY D 99 11.48 20.22 -2.02
CA GLY D 99 12.70 19.59 -2.52
C GLY D 99 13.27 18.48 -1.63
N GLY D 100 12.79 18.33 -0.41
CA GLY D 100 13.25 17.29 0.49
C GLY D 100 14.28 17.80 1.49
N THR D 101 14.37 17.10 2.62
CA THR D 101 15.40 17.34 3.64
C THR D 101 15.96 15.99 4.02
N LYS D 102 17.23 15.75 3.72
CA LYS D 102 17.90 14.51 4.09
C LYS D 102 18.49 14.67 5.49
N LEU D 103 18.07 13.82 6.41
CA LEU D 103 18.44 13.90 7.81
C LEU D 103 19.56 12.91 8.09
N GLU D 104 20.63 13.40 8.72
CA GLU D 104 21.76 12.55 9.08
C GLU D 104 22.10 12.76 10.55
N ILE D 105 22.88 11.82 11.09
CA ILE D 105 23.21 11.80 12.51
C ILE D 105 24.47 12.60 12.76
N LYS D 106 24.44 13.45 13.78
CA LYS D 106 25.65 14.15 14.23
C LYS D 106 26.47 13.23 15.14
N ARG D 107 27.79 13.25 14.96
CA ARG D 107 28.71 12.51 15.82
C ARG D 107 30.00 13.31 15.92
N ALA D 108 30.99 12.76 16.61
CA ALA D 108 32.24 13.47 16.80
C ALA D 108 33.05 13.46 15.51
N ASP D 109 33.87 14.50 15.32
CA ASP D 109 34.72 14.59 14.14
C ASP D 109 35.72 13.45 14.11
N ALA D 110 36.05 12.98 12.90
CA ALA D 110 37.01 11.90 12.67
C ALA D 110 37.77 12.17 11.39
N ALA D 111 39.11 12.14 11.48
CA ALA D 111 39.96 12.28 10.30
C ALA D 111 39.86 11.06 9.39
N PRO D 112 39.97 11.24 8.08
CA PRO D 112 39.94 10.10 7.16
C PRO D 112 41.21 9.27 7.23
N THR D 113 41.05 7.97 6.99
CA THR D 113 42.16 7.08 6.70
C THR D 113 42.31 7.00 5.19
N VAL D 114 43.47 7.41 4.69
CA VAL D 114 43.69 7.64 3.26
C VAL D 114 44.64 6.56 2.75
N SER D 115 44.28 5.92 1.62
CA SER D 115 45.08 4.88 1.00
C SER D 115 45.08 5.09 -0.51
N ILE D 116 46.26 4.98 -1.13
CA ILE D 116 46.41 5.19 -2.56
C ILE D 116 46.90 3.90 -3.21
N PHE D 117 46.45 3.65 -4.45
CA PHE D 117 46.69 2.40 -5.15
C PHE D 117 47.08 2.63 -6.60
N PRO D 118 48.21 2.10 -7.05
CA PRO D 118 48.59 2.19 -8.45
C PRO D 118 47.64 1.41 -9.34
N PRO D 119 47.62 1.69 -10.64
CA PRO D 119 46.84 0.86 -11.55
C PRO D 119 47.36 -0.57 -11.55
N SER D 120 46.45 -1.52 -11.69
CA SER D 120 46.88 -2.92 -11.76
C SER D 120 47.55 -3.20 -13.12
N SER D 121 48.39 -4.25 -13.13
CA SER D 121 48.98 -4.67 -14.39
C SER D 121 47.89 -5.16 -15.36
N GLU D 122 46.88 -5.86 -14.84
CA GLU D 122 45.78 -6.31 -15.70
C GLU D 122 45.17 -5.14 -16.46
N GLN D 123 44.83 -4.05 -15.75
CA GLN D 123 44.16 -2.95 -16.43
C GLN D 123 45.04 -2.35 -17.52
N LEU D 124 46.35 -2.26 -17.26
CA LEU D 124 47.25 -1.70 -18.26
C LEU D 124 47.19 -2.49 -19.58
N THR D 125 46.98 -3.81 -19.55
CA THR D 125 46.91 -4.54 -20.81
C THR D 125 45.69 -4.15 -21.63
N SER D 126 44.71 -3.47 -21.04
CA SER D 126 43.59 -2.95 -21.80
C SER D 126 43.86 -1.55 -22.34
N GLY D 127 45.04 -0.99 -22.06
CA GLY D 127 45.38 0.33 -22.53
C GLY D 127 44.90 1.49 -21.68
N GLY D 128 44.42 1.23 -20.46
CA GLY D 128 43.97 2.29 -19.58
C GLY D 128 44.60 2.11 -18.20
N ALA D 129 44.54 3.18 -17.41
CA ALA D 129 45.19 3.18 -16.10
C ALA D 129 44.35 3.99 -15.13
N SER D 130 43.83 3.34 -14.09
CA SER D 130 43.06 4.00 -13.05
C SER D 130 43.88 4.00 -11.77
N VAL D 131 44.06 5.18 -11.19
CA VAL D 131 44.68 5.33 -9.87
C VAL D 131 43.57 5.56 -8.87
N VAL D 132 43.58 4.83 -7.76
CA VAL D 132 42.45 4.86 -6.83
C VAL D 132 42.92 5.36 -5.47
N CYS D 133 42.08 6.17 -4.84
CA CYS D 133 42.33 6.69 -3.50
C CYS D 133 41.09 6.46 -2.65
N PHE D 134 41.26 5.77 -1.53
CA PHE D 134 40.18 5.58 -0.58
C PHE D 134 40.41 6.53 0.59
N LEU D 135 39.32 7.16 1.05
CA LEU D 135 39.31 8.09 2.16
C LEU D 135 38.19 7.60 3.08
N ASN D 136 38.54 6.87 4.14
CA ASN D 136 37.58 6.04 4.84
C ASN D 136 37.31 6.53 6.26
N ASN D 137 36.05 6.40 6.68
CA ASN D 137 35.61 6.59 8.07
C ASN D 137 35.96 7.98 8.62
N PHE D 138 35.48 9.02 7.93
CA PHE D 138 35.64 10.40 8.40
C PHE D 138 34.30 11.04 8.73
N TYR D 139 34.37 12.16 9.47
CA TYR D 139 33.19 12.94 9.80
C TYR D 139 33.64 14.35 10.15
N PRO D 140 32.95 15.40 9.68
CA PRO D 140 31.70 15.41 8.88
C PRO D 140 31.90 15.05 7.40
N LYS D 141 30.86 15.10 6.58
CA LYS D 141 30.96 14.55 5.23
C LYS D 141 31.75 15.45 4.27
N ASP D 142 31.89 16.73 4.59
CA ASP D 142 32.56 17.67 3.70
C ASP D 142 34.05 17.35 3.59
N ILE D 143 34.52 17.20 2.36
CA ILE D 143 35.91 16.82 2.13
C ILE D 143 36.26 17.15 0.69
N ASN D 144 37.51 17.53 0.48
CA ASN D 144 38.03 17.80 -0.85
CA ASN D 144 38.04 17.81 -0.84
C ASN D 144 39.24 16.91 -1.10
N VAL D 145 39.31 16.32 -2.29
CA VAL D 145 40.43 15.46 -2.67
C VAL D 145 41.10 16.05 -3.90
N LYS D 146 42.42 16.14 -3.86
CA LYS D 146 43.22 16.66 -4.97
C LYS D 146 44.17 15.59 -5.44
N TRP D 147 44.30 15.47 -6.76
CA TRP D 147 45.25 14.57 -7.41
C TRP D 147 46.39 15.39 -7.98
N LYS D 148 47.63 14.98 -7.70
CA LYS D 148 48.79 15.66 -8.26
C LYS D 148 49.67 14.64 -8.98
N ILE D 149 50.16 15.04 -10.15
CA ILE D 149 51.02 14.20 -10.97
C ILE D 149 52.32 14.96 -11.20
N ASP D 150 53.44 14.39 -10.76
CA ASP D 150 54.75 15.04 -10.84
C ASP D 150 54.68 16.49 -10.35
N GLY D 151 53.85 16.72 -9.33
CA GLY D 151 53.73 18.01 -8.69
C GLY D 151 52.51 18.82 -9.08
N SER D 152 52.01 18.66 -10.31
CA SER D 152 50.94 19.50 -10.83
C SER D 152 49.59 18.83 -10.65
N GLU D 153 48.56 19.65 -10.44
CA GLU D 153 47.23 19.14 -10.13
C GLU D 153 46.50 18.72 -11.40
N ARG D 154 45.74 17.63 -11.29
CA ARG D 154 44.98 17.07 -12.40
C ARG D 154 43.50 16.98 -12.01
N GLN D 155 42.63 17.59 -12.81
CA GLN D 155 41.20 17.49 -12.55
C GLN D 155 40.44 16.65 -13.58
N ASN D 156 40.92 16.59 -14.83
CA ASN D 156 40.25 15.79 -15.85
C ASN D 156 40.39 14.30 -15.55
N GLY D 157 39.30 13.57 -15.73
CA GLY D 157 39.32 12.13 -15.58
C GLY D 157 39.16 11.63 -14.16
N VAL D 158 38.75 12.49 -13.22
CA VAL D 158 38.55 12.11 -11.82
C VAL D 158 37.08 11.80 -11.60
N LEU D 159 36.80 10.65 -11.02
CA LEU D 159 35.45 10.28 -10.61
C LEU D 159 35.41 9.98 -9.12
N ASN D 160 34.41 10.52 -8.44
CA ASN D 160 34.27 10.39 -7.00
C ASN D 160 32.96 9.69 -6.67
N SER D 161 32.96 8.96 -5.57
CA SER D 161 31.74 8.33 -5.09
C SER D 161 31.79 8.27 -3.57
N TRP D 162 30.66 8.60 -2.93
CA TRP D 162 30.57 8.67 -1.48
C TRP D 162 29.57 7.62 -0.99
N THR D 163 29.92 6.97 0.12
CA THR D 163 28.96 6.08 0.73
C THR D 163 27.93 6.89 1.51
N ASP D 164 26.80 6.24 1.81
CA ASP D 164 25.89 6.82 2.78
C ASP D 164 26.49 6.69 4.18
N GLN D 165 25.86 7.37 5.14
CA GLN D 165 26.36 7.34 6.51
C GLN D 165 26.41 5.91 7.03
N ASP D 166 27.56 5.57 7.62
CA ASP D 166 27.91 4.19 7.95
C ASP D 166 26.99 3.62 9.04
N SER D 167 26.47 2.41 8.81
CA SER D 167 25.60 1.81 9.82
C SER D 167 26.35 1.36 11.06
N LYS D 168 27.68 1.20 10.98
CA LYS D 168 28.48 0.75 12.12
C LYS D 168 28.94 1.89 13.02
N ASP D 169 29.45 2.98 12.44
CA ASP D 169 29.96 4.08 13.27
C ASP D 169 29.46 5.46 12.82
N SER D 170 28.51 5.54 11.90
CA SER D 170 27.94 6.81 11.43
C SER D 170 29.00 7.74 10.82
N THR D 171 30.08 7.19 10.28
CA THR D 171 31.03 7.98 9.51
C THR D 171 30.68 7.92 8.02
N TYR D 172 31.46 8.65 7.23
CA TYR D 172 31.36 8.64 5.77
C TYR D 172 32.66 8.13 5.19
N SER D 173 32.57 7.52 4.00
CA SER D 173 33.75 7.15 3.24
C SER D 173 33.57 7.61 1.80
N MET D 174 34.70 7.72 1.11
CA MET D 174 34.73 8.25 -0.24
C MET D 174 35.81 7.56 -1.05
N SER D 175 35.52 7.31 -2.32
CA SER D 175 36.50 6.78 -3.27
CA SER D 175 36.48 6.76 -3.27
C SER D 175 36.72 7.80 -4.36
N SER D 176 37.98 8.01 -4.72
CA SER D 176 38.34 8.90 -5.82
C SER D 176 39.19 8.12 -6.80
N THR D 177 38.79 8.14 -8.07
CA THR D 177 39.51 7.41 -9.11
C THR D 177 39.95 8.37 -10.22
N LEU D 178 41.25 8.39 -10.49
CA LEU D 178 41.80 9.15 -11.62
C LEU D 178 42.10 8.16 -12.73
N THR D 179 41.41 8.28 -13.86
CA THR D 179 41.63 7.38 -14.99
C THR D 179 42.38 8.12 -16.10
N LEU D 180 43.47 7.52 -16.55
CA LEU D 180 44.33 8.02 -17.62
C LEU D 180 44.50 6.91 -18.65
N THR D 181 45.02 7.26 -19.82
CA THR D 181 45.48 6.22 -20.73
C THR D 181 46.75 5.59 -20.18
N LYS D 182 47.05 4.38 -20.63
CA LYS D 182 48.32 3.75 -20.26
C LYS D 182 49.49 4.63 -20.67
N ASP D 183 49.46 5.17 -21.90
CA ASP D 183 50.55 6.01 -22.36
C ASP D 183 50.69 7.28 -21.51
N GLU D 184 49.57 7.91 -21.17
CA GLU D 184 49.62 9.06 -20.26
C GLU D 184 50.27 8.69 -18.94
N TYR D 185 49.84 7.56 -18.36
CA TYR D 185 50.30 7.17 -17.03
C TYR D 185 51.80 6.90 -17.02
N GLU D 186 52.31 6.27 -18.06
CA GLU D 186 53.72 5.90 -18.08
C GLU D 186 54.62 7.05 -18.49
N ARG D 187 54.06 8.24 -18.69
CA ARG D 187 54.84 9.45 -18.97
C ARG D 187 55.20 10.22 -17.71
N HIS D 188 54.74 9.78 -16.54
CA HIS D 188 54.98 10.52 -15.31
C HIS D 188 55.37 9.54 -14.22
N ASN D 189 55.95 10.07 -13.15
CA ASN D 189 56.48 9.22 -12.10
C ASN D 189 55.68 9.29 -10.80
N SER D 190 55.48 10.47 -10.21
CA SER D 190 54.88 10.59 -8.89
CA SER D 190 54.88 10.58 -8.89
C SER D 190 53.39 10.87 -9.00
N TYR D 191 52.60 10.12 -8.25
CA TYR D 191 51.14 10.26 -8.19
C TYR D 191 50.75 10.44 -6.74
N THR D 192 49.93 11.45 -6.46
CA THR D 192 49.58 11.84 -5.10
C THR D 192 48.09 12.16 -5.01
N CYS D 193 47.40 11.63 -4.00
CA CYS D 193 46.09 12.14 -3.61
C CYS D 193 46.20 12.86 -2.27
N GLU D 194 45.65 14.08 -2.21
CA GLU D 194 45.69 14.94 -1.03
C GLU D 194 44.28 15.15 -0.51
N ALA D 195 44.08 14.86 0.78
CA ALA D 195 42.76 14.97 1.41
C ALA D 195 42.75 16.19 2.32
N THR D 196 41.82 17.11 2.06
CA THR D 196 41.61 18.30 2.88
C THR D 196 40.30 18.14 3.65
N HIS D 197 40.37 18.24 4.96
CA HIS D 197 39.27 17.96 5.87
C HIS D 197 39.45 18.83 7.11
N LYS D 198 38.33 19.20 7.73
CA LYS D 198 38.38 20.14 8.85
C LYS D 198 39.14 19.59 10.05
N THR D 199 39.37 18.28 10.12
CA THR D 199 40.05 17.72 11.28
C THR D 199 41.52 18.10 11.38
N SER D 200 42.11 18.69 10.34
CA SER D 200 43.49 19.14 10.43
CA SER D 200 43.49 19.13 10.42
C SER D 200 43.71 20.32 9.49
N THR D 201 44.55 21.27 9.94
CA THR D 201 44.90 22.40 9.09
C THR D 201 45.79 21.97 7.94
N SER D 202 46.45 20.83 8.06
CA SER D 202 47.31 20.30 7.01
C SER D 202 46.64 19.12 6.31
N PRO D 203 46.73 19.06 4.99
CA PRO D 203 46.14 17.94 4.27
C PRO D 203 46.87 16.64 4.56
N ILE D 204 46.14 15.54 4.39
CA ILE D 204 46.69 14.19 4.46
C ILE D 204 47.15 13.79 3.07
N VAL D 205 48.41 13.39 2.94
CA VAL D 205 49.05 13.19 1.64
C VAL D 205 49.49 11.74 1.54
N LYS D 206 49.01 11.04 0.49
CA LYS D 206 49.49 9.71 0.15
C LYS D 206 49.94 9.67 -1.30
N SER D 207 51.08 9.03 -1.55
CA SER D 207 51.64 9.02 -2.90
C SER D 207 52.42 7.73 -3.13
N PHE D 208 52.72 7.47 -4.41
CA PHE D 208 53.69 6.45 -4.81
C PHE D 208 54.44 6.95 -6.03
N ASN D 209 55.60 6.33 -6.28
CA ASN D 209 56.36 6.52 -7.51
C ASN D 209 56.16 5.33 -8.42
N ARG D 210 55.90 5.59 -9.70
CA ARG D 210 55.68 4.50 -10.65
C ARG D 210 56.94 3.66 -10.84
N ASN D 211 58.11 4.27 -10.67
CA ASN D 211 59.39 3.56 -10.81
C ASN D 211 60.05 3.35 -9.45
N GLU D 212 59.32 2.76 -8.51
CA GLU D 212 59.86 2.48 -7.18
C GLU D 212 59.02 1.42 -6.46
#